data_7H7U
#
_entry.id   7H7U
#
_cell.length_a   87.331
_cell.length_b   87.331
_cell.length_c   85.368
_cell.angle_alpha   90.00
_cell.angle_beta   90.00
_cell.angle_gamma   120.00
#
_symmetry.space_group_name_H-M   'P 31'
#
loop_
_entity.id
_entity.type
_entity.pdbx_description
1 polymer 'Non-structural protein 3'
2 non-polymer 'DIMETHYL SULFOXIDE'
3 non-polymer 2-AMINO-2-HYDROXYMETHYL-PROPANE-1,3-DIOL
4 non-polymer 'CHLORIDE ION'
5 non-polymer 'methyl (3S)-3-[(4-fluorophenyl)methyl]pyrrolidine-3-carboxylate'
6 non-polymer 'methyl (3R)-3-[(4-fluorophenyl)methyl]pyrrolidine-3-carboxylate'
7 water water
#
_entity_poly.entity_id   1
_entity_poly.type   'polypeptide(L)'
_entity_poly.pdbx_seq_one_letter_code
;GAMAPSYRVKRMDIAKNDEECVVNAANPRGLPGDGVCKAVYKKWPESFKNSATPVGTAKTVMCGTYPVIHAVGPNFSNYT
ESEGDRELAAAYREVAKEVTRLGVNSVAIPLLSTGVYSGGKDRLTQSLNHLFTAMDSTDADVVIYCRDKEWEKKISEAIQ
MRT
;
_entity_poly.pdbx_strand_id   A,B,C,D
#
loop_
_chem_comp.id
_chem_comp.type
_chem_comp.name
_chem_comp.formula
A1AQD non-polymer 'methyl (3S)-3-[(4-fluorophenyl)methyl]pyrrolidine-3-carboxylate' 'C13 H16 F N O2'
A1AQE non-polymer 'methyl (3R)-3-[(4-fluorophenyl)methyl]pyrrolidine-3-carboxylate' 'C13 H16 F N O2'
CL non-polymer 'CHLORIDE ION' 'Cl -1'
DMS non-polymer 'DIMETHYL SULFOXIDE' 'C2 H6 O S'
TRS non-polymer 2-AMINO-2-HYDROXYMETHYL-PROPANE-1,3-DIOL 'C4 H12 N O3 1'
#
# COMPACT_ATOMS: atom_id res chain seq x y z
N GLY A 1 7.21 17.25 -16.13
CA GLY A 1 6.67 18.49 -15.51
C GLY A 1 5.17 18.58 -15.67
N ALA A 2 4.52 19.47 -14.91
CA ALA A 2 3.09 19.80 -15.11
C ALA A 2 2.94 20.66 -16.37
N MET A 3 1.84 20.53 -17.13
CA MET A 3 1.65 21.32 -18.39
C MET A 3 1.63 22.83 -18.08
N ALA A 4 1.10 23.22 -16.93
CA ALA A 4 0.99 24.64 -16.55
C ALA A 4 1.26 24.77 -15.06
N PRO A 5 2.54 24.67 -14.69
CA PRO A 5 2.90 24.50 -13.27
C PRO A 5 2.23 25.58 -12.40
N SER A 6 1.62 25.18 -11.29
CA SER A 6 0.75 26.02 -10.46
C SER A 6 1.18 25.89 -9.00
N TYR A 7 0.76 26.85 -8.20
CA TYR A 7 0.70 26.79 -6.74
C TYR A 7 -0.76 26.78 -6.30
N ARG A 8 -1.05 25.93 -5.33
CA ARG A 8 -2.36 25.85 -4.68
C ARG A 8 -2.13 25.72 -3.18
N VAL A 9 -3.15 26.03 -2.40
CA VAL A 9 -3.11 25.83 -0.96
C VAL A 9 -4.38 25.12 -0.52
N LYS A 10 -4.22 24.13 0.36
CA LYS A 10 -5.36 23.44 1.01
C LYS A 10 -5.16 23.39 2.50
N ARG A 11 -6.28 23.53 3.19
CA ARG A 11 -6.33 23.47 4.65
C ARG A 11 -6.81 22.09 5.05
N MET A 12 -5.87 21.21 5.39
CA MET A 12 -6.16 19.81 5.72
C MET A 12 -4.84 19.14 6.05
N ASP A 13 -4.94 17.93 6.57
CA ASP A 13 -3.78 17.09 6.93
C ASP A 13 -3.03 16.68 5.66
N ILE A 14 -1.75 17.02 5.59
CA ILE A 14 -0.88 16.65 4.43
C ILE A 14 -0.76 15.13 4.31
N ALA A 15 -1.00 14.35 5.37
CA ALA A 15 -1.10 12.88 5.24
C ALA A 15 -2.21 12.41 4.28
N LYS A 16 -3.17 13.26 3.90
CA LYS A 16 -4.30 12.92 3.02
C LYS A 16 -4.02 13.56 1.62
N ASN A 17 -2.79 13.96 1.30
CA ASN A 17 -2.52 14.73 0.06
C ASN A 17 -2.83 13.88 -1.19
N ASP A 18 -3.05 14.57 -2.30
CA ASP A 18 -3.33 14.02 -3.63
C ASP A 18 -2.19 14.30 -4.60
N GLU A 19 -0.97 14.36 -4.10
CA GLU A 19 0.23 14.67 -4.90
C GLU A 19 1.14 13.46 -5.01
N GLU A 20 2.11 13.54 -5.88
CA GLU A 20 2.97 12.37 -6.21
C GLU A 20 4.07 12.18 -5.17
N CYS A 21 4.28 13.13 -4.29
CA CYS A 21 5.29 12.98 -3.20
C CYS A 21 4.97 14.00 -2.13
N VAL A 22 5.53 13.84 -0.94
CA VAL A 22 5.27 14.72 0.20
C VAL A 22 6.58 15.22 0.76
N VAL A 23 6.56 16.45 1.25
CA VAL A 23 7.66 17.00 2.06
C VAL A 23 7.27 16.93 3.51
N ASN A 24 8.11 16.26 4.29
CA ASN A 24 7.97 16.25 5.75
C ASN A 24 8.71 17.43 6.37
N ALA A 25 8.10 18.13 7.31
CA ALA A 25 8.76 19.12 8.19
C ALA A 25 9.44 18.31 9.31
N ALA A 26 10.60 17.80 8.96
CA ALA A 26 11.33 16.80 9.76
C ALA A 26 12.19 17.45 10.83
N ASN A 27 12.55 16.60 11.79
CA ASN A 27 13.61 16.96 12.75
C ASN A 27 14.91 16.32 12.27
N PRO A 28 16.04 16.82 12.75
CA PRO A 28 17.32 16.31 12.23
C PRO A 28 17.65 14.86 12.57
N ARG A 29 16.96 14.30 13.55
CA ARG A 29 17.30 12.97 14.10
C ARG A 29 16.39 11.92 13.52
N GLY A 30 15.46 12.28 12.64
CA GLY A 30 14.58 11.25 12.08
C GLY A 30 13.62 10.70 13.10
N LEU A 31 13.28 11.48 14.12
CA LEU A 31 12.32 11.06 15.18
C LEU A 31 10.89 11.32 14.74
N PRO A 32 9.88 10.59 15.25
CA PRO A 32 8.48 10.84 14.90
C PRO A 32 7.99 12.26 15.12
N GLY A 33 8.52 12.92 16.14
CA GLY A 33 8.28 14.36 16.29
C GLY A 33 6.87 14.73 16.67
N ASP A 34 6.45 15.94 16.30
CA ASP A 34 5.08 16.47 16.57
C ASP A 34 4.52 17.08 15.29
N GLY A 35 3.26 17.51 15.33
CA GLY A 35 2.61 18.20 14.21
C GLY A 35 2.66 17.45 12.87
N VAL A 36 3.05 18.13 11.80
CA VAL A 36 3.18 17.52 10.45
C VAL A 36 4.04 16.27 10.54
N CYS A 37 5.19 16.36 11.23
CA CYS A 37 6.16 15.24 11.32
C CYS A 37 5.43 14.03 11.89
N LYS A 38 4.63 14.22 12.94
CA LYS A 38 3.96 13.07 13.58
C LYS A 38 2.91 12.47 12.62
N ALA A 39 2.21 13.34 11.90
CA ALA A 39 1.21 12.87 10.91
C ALA A 39 1.93 12.03 9.84
N VAL A 40 3.06 12.52 9.35
CA VAL A 40 3.87 11.83 8.32
C VAL A 40 4.36 10.49 8.86
N TYR A 41 4.80 10.44 10.12
CA TYR A 41 5.24 9.19 10.77
C TYR A 41 4.10 8.17 10.81
N LYS A 42 2.89 8.61 11.11
CA LYS A 42 1.72 7.71 11.22
C LYS A 42 1.40 7.16 9.83
N LYS A 43 1.52 7.98 8.79
CA LYS A 43 1.06 7.58 7.43
C LYS A 43 2.15 6.78 6.70
N TRP A 44 3.40 7.18 6.84
CA TRP A 44 4.55 6.64 6.08
C TRP A 44 5.69 6.32 7.03
N PRO A 45 5.49 5.45 8.03
CA PRO A 45 6.55 5.19 9.00
C PRO A 45 7.79 4.56 8.39
N GLU A 46 7.60 3.79 7.29
CA GLU A 46 8.74 3.13 6.61
C GLU A 46 9.74 4.18 6.11
N SER A 47 9.27 5.42 5.86
CA SER A 47 10.11 6.48 5.29
C SER A 47 11.05 7.07 6.33
N PHE A 48 10.97 6.61 7.59
CA PHE A 48 11.87 7.14 8.65
C PHE A 48 13.07 6.23 8.84
N LYS A 49 13.27 5.24 7.97
CA LYS A 49 14.52 4.45 7.97
C LYS A 49 15.68 5.31 7.45
N ASN A 50 16.64 5.65 8.32
CA ASN A 50 17.83 6.45 7.98
C ASN A 50 17.41 7.80 7.38
N SER A 51 16.37 8.41 7.95
CA SER A 51 15.91 9.74 7.46
C SER A 51 16.68 10.88 8.16
N ALA A 52 17.41 10.67 9.24
CA ALA A 52 18.20 11.74 9.92
C ALA A 52 19.08 12.46 8.91
N THR A 53 19.08 13.79 8.98
CA THR A 53 19.82 14.69 8.07
C THR A 53 20.00 16.01 8.81
N PRO A 54 21.04 16.78 8.50
CA PRO A 54 21.25 18.02 9.22
C PRO A 54 20.23 19.13 8.94
N VAL A 55 20.21 20.11 9.81
CA VAL A 55 19.44 21.35 9.55
C VAL A 55 19.84 21.94 8.21
N GLY A 56 18.83 22.42 7.44
CA GLY A 56 19.08 23.10 6.16
C GLY A 56 19.17 22.13 5.00
N THR A 57 18.92 20.84 5.21
CA THR A 57 19.01 19.80 4.18
C THR A 57 17.71 19.04 4.04
N ALA A 58 17.62 18.28 2.94
CA ALA A 58 16.48 17.40 2.69
C ALA A 58 17.05 16.05 2.33
N LYS A 59 16.38 15.02 2.77
CA LYS A 59 16.78 13.62 2.47
C LYS A 59 15.52 12.86 2.15
N THR A 60 15.45 12.25 0.96
CA THR A 60 14.26 11.51 0.49
C THR A 60 14.41 10.03 0.87
N VAL A 61 13.35 9.47 1.44
CA VAL A 61 13.23 8.02 1.71
C VAL A 61 11.90 7.57 1.16
N MET A 62 11.92 6.47 0.43
N MET A 62 11.93 6.50 0.36
CA MET A 62 10.72 5.91 -0.25
CA MET A 62 10.71 5.93 -0.25
C MET A 62 9.89 5.13 0.77
C MET A 62 9.89 5.17 0.80
N CYS A 63 8.56 5.31 0.74
CA CYS A 63 7.60 4.44 1.45
C CYS A 63 6.92 3.65 0.35
N GLY A 64 7.33 2.39 0.13
CA GLY A 64 6.94 1.75 -1.13
C GLY A 64 7.59 2.42 -2.30
N THR A 65 6.84 3.02 -3.21
CA THR A 65 7.39 3.86 -4.27
C THR A 65 7.02 5.33 -4.05
N TYR A 66 6.41 5.63 -2.92
CA TYR A 66 5.92 7.01 -2.65
C TYR A 66 7.04 7.79 -1.95
N PRO A 67 7.62 8.86 -2.55
CA PRO A 67 8.74 9.56 -1.95
C PRO A 67 8.34 10.51 -0.82
N VAL A 68 9.04 10.37 0.30
CA VAL A 68 8.90 11.29 1.45
C VAL A 68 10.19 12.08 1.52
N ILE A 69 10.11 13.39 1.28
CA ILE A 69 11.28 14.28 1.26
C ILE A 69 11.37 14.91 2.65
N HIS A 70 12.28 14.44 3.49
CA HIS A 70 12.41 14.93 4.88
C HIS A 70 13.24 16.20 4.84
N ALA A 71 12.60 17.36 5.04
CA ALA A 71 13.25 18.68 4.98
C ALA A 71 13.37 19.24 6.40
N VAL A 72 14.60 19.53 6.76
CA VAL A 72 14.86 19.98 8.17
C VAL A 72 15.04 21.49 8.21
N GLY A 73 13.96 22.18 8.55
CA GLY A 73 14.03 23.61 8.83
C GLY A 73 14.69 23.83 10.19
N PRO A 74 15.27 25.00 10.41
CA PRO A 74 15.85 25.34 11.71
C PRO A 74 14.76 25.53 12.76
N ASN A 75 15.15 25.24 14.00
CA ASN A 75 14.32 25.61 15.18
C ASN A 75 14.76 27.00 15.61
N PHE A 76 13.92 28.01 15.41
CA PHE A 76 14.27 29.42 15.70
C PHE A 76 14.46 29.65 17.21
N SER A 77 14.11 28.67 18.04
CA SER A 77 14.45 28.75 19.50
C SER A 77 15.98 28.69 19.68
N ASN A 78 16.67 27.98 18.79
CA ASN A 78 18.11 27.62 18.93
C ASN A 78 18.95 28.54 18.06
N TYR A 79 18.45 28.95 16.89
CA TYR A 79 19.20 29.79 15.91
C TYR A 79 18.91 31.27 16.12
N THR A 80 19.87 32.11 15.77
CA THR A 80 19.64 33.57 15.63
C THR A 80 18.70 33.81 14.44
N GLU A 81 18.01 34.95 14.41
CA GLU A 81 17.13 35.24 13.25
C GLU A 81 17.92 35.13 11.95
N SER A 82 19.13 35.67 11.87
CA SER A 82 19.96 35.65 10.66
C SER A 82 20.32 34.23 10.20
N GLU A 83 20.85 33.39 11.09
CA GLU A 83 21.32 32.05 10.69
C GLU A 83 20.10 31.14 10.45
N GLY A 84 19.02 31.32 11.23
CA GLY A 84 17.79 30.56 11.01
C GLY A 84 17.25 30.91 9.65
N ASP A 85 17.22 32.19 9.31
CA ASP A 85 16.71 32.57 7.98
C ASP A 85 17.54 31.87 6.89
N ARG A 86 18.86 31.82 7.03
CA ARG A 86 19.76 31.19 6.03
C ARG A 86 19.45 29.69 5.90
N GLU A 87 19.33 29.00 7.01
CA GLU A 87 19.06 27.55 7.01
C GLU A 87 17.67 27.26 6.45
N LEU A 88 16.70 28.11 6.73
CA LEU A 88 15.31 27.89 6.25
C LEU A 88 15.30 28.02 4.71
N ALA A 89 15.93 29.07 4.18
CA ALA A 89 16.08 29.18 2.72
C ALA A 89 16.81 27.96 2.15
N ALA A 90 17.85 27.46 2.80
CA ALA A 90 18.65 26.33 2.31
C ALA A 90 17.77 25.07 2.28
N ALA A 91 16.99 24.79 3.31
CA ALA A 91 16.16 23.56 3.33
C ALA A 91 15.26 23.58 2.09
N TYR A 92 14.63 24.73 1.80
CA TYR A 92 13.75 24.75 0.62
C TYR A 92 14.55 24.58 -0.67
N ARG A 93 15.74 25.17 -0.81
CA ARG A 93 16.53 24.88 -2.02
C ARG A 93 16.76 23.37 -2.16
N GLU A 94 17.05 22.63 -1.09
CA GLU A 94 17.29 21.19 -1.19
C GLU A 94 15.99 20.49 -1.55
N VAL A 95 14.83 20.92 -1.07
CA VAL A 95 13.54 20.36 -1.49
C VAL A 95 13.41 20.50 -3.02
N ALA A 96 13.71 21.67 -3.55
CA ALA A 96 13.57 21.87 -5.02
C ALA A 96 14.49 20.93 -5.78
N LYS A 97 15.72 20.73 -5.34
CA LYS A 97 16.65 19.74 -5.96
C LYS A 97 16.00 18.34 -5.91
N GLU A 98 15.42 17.92 -4.77
CA GLU A 98 14.89 16.55 -4.69
C GLU A 98 13.67 16.39 -5.57
N VAL A 99 12.77 17.38 -5.58
CA VAL A 99 11.53 17.30 -6.37
C VAL A 99 11.98 17.15 -7.84
N THR A 100 12.98 17.92 -8.23
CA THR A 100 13.49 17.86 -9.64
C THR A 100 14.09 16.48 -9.93
N ARG A 101 14.95 16.00 -9.04
CA ARG A 101 15.63 14.69 -9.19
C ARG A 101 14.59 13.57 -9.32
N LEU A 102 13.50 13.65 -8.59
CA LEU A 102 12.48 12.58 -8.54
C LEU A 102 11.65 12.55 -9.81
N GLY A 103 11.57 13.67 -10.54
CA GLY A 103 10.81 13.74 -11.79
C GLY A 103 9.31 13.77 -11.56
N VAL A 104 8.86 14.10 -10.34
CA VAL A 104 7.42 14.15 -10.01
C VAL A 104 6.77 15.32 -10.77
N ASN A 105 5.49 15.19 -11.00
CA ASN A 105 4.70 16.29 -11.58
C ASN A 105 3.95 17.08 -10.50
N SER A 106 3.98 16.66 -9.25
CA SER A 106 3.29 17.38 -8.16
C SER A 106 3.99 17.01 -6.83
N VAL A 107 3.90 17.92 -5.88
CA VAL A 107 4.48 17.76 -4.53
C VAL A 107 3.58 18.46 -3.54
N ALA A 108 3.36 17.82 -2.39
CA ALA A 108 2.66 18.35 -1.20
C ALA A 108 3.71 18.89 -0.23
N ILE A 109 3.58 20.15 0.17
N ILE A 109 3.59 20.17 0.15
CA ILE A 109 4.64 20.80 1.01
CA ILE A 109 4.62 20.88 0.96
C ILE A 109 3.99 21.63 2.11
C ILE A 109 3.95 21.60 2.13
N PRO A 110 4.50 21.47 3.36
CA PRO A 110 4.09 22.28 4.49
C PRO A 110 5.02 23.49 4.59
N LEU A 111 4.62 24.54 5.32
CA LEU A 111 5.53 25.66 5.56
C LEU A 111 6.49 25.32 6.70
N LEU A 112 7.74 25.12 6.31
CA LEU A 112 8.82 24.78 7.25
C LEU A 112 9.03 25.88 8.28
N SER A 113 9.33 25.45 9.50
CA SER A 113 9.72 26.29 10.66
C SER A 113 8.55 27.21 11.07
N THR A 114 7.30 26.85 10.78
CA THR A 114 6.14 27.70 11.13
C THR A 114 5.40 27.20 12.37
N GLY A 115 5.64 26.00 12.82
CA GLY A 115 4.97 25.41 14.00
C GLY A 115 5.86 25.49 15.23
N VAL A 116 6.17 24.34 15.82
CA VAL A 116 6.99 24.30 17.07
C VAL A 116 8.44 24.76 16.83
N TYR A 117 8.94 24.88 15.58
CA TYR A 117 10.27 25.44 15.30
C TYR A 117 10.24 26.95 15.00
N SER A 118 9.08 27.60 15.22
CA SER A 118 8.92 29.03 14.85
C SER A 118 9.58 29.94 15.93
N GLY A 119 9.88 29.36 17.10
CA GLY A 119 10.37 30.20 18.22
C GLY A 119 9.30 31.20 18.66
N GLY A 120 8.03 30.81 18.53
CA GLY A 120 6.85 31.57 18.96
C GLY A 120 6.58 32.80 18.08
N LYS A 121 7.11 32.86 16.85
CA LYS A 121 6.85 33.98 15.93
C LYS A 121 6.00 33.50 14.74
N ASP A 122 5.23 34.41 14.16
CA ASP A 122 4.49 34.20 12.90
C ASP A 122 5.51 34.27 11.78
N ARG A 123 5.81 33.12 11.13
CA ARG A 123 6.78 33.10 10.03
C ARG A 123 6.10 32.69 8.71
N LEU A 124 4.79 32.85 8.59
CA LEU A 124 4.08 32.54 7.31
C LEU A 124 4.81 33.19 6.16
N THR A 125 4.95 34.52 6.12
CA THR A 125 5.51 35.22 4.97
C THR A 125 6.98 34.81 4.73
N GLN A 126 7.77 34.73 5.78
CA GLN A 126 9.21 34.35 5.67
C GLN A 126 9.31 32.96 5.02
N SER A 127 8.53 32.02 5.53
CA SER A 127 8.68 30.62 5.11
C SER A 127 8.11 30.47 3.69
N LEU A 128 6.95 31.06 3.44
CA LEU A 128 6.31 31.00 2.10
C LEU A 128 7.21 31.65 1.05
N ASN A 129 7.83 32.79 1.34
CA ASN A 129 8.69 33.44 0.34
C ASN A 129 9.91 32.59 0.08
N HIS A 130 10.48 31.89 1.09
CA HIS A 130 11.61 30.96 0.80
C HIS A 130 11.12 29.77 -0.03
N LEU A 131 9.90 29.34 0.19
CA LEU A 131 9.31 28.24 -0.62
C LEU A 131 9.28 28.72 -2.06
N PHE A 132 8.69 29.88 -2.28
CA PHE A 132 8.61 30.38 -3.68
C PHE A 132 9.99 30.53 -4.27
N THR A 133 10.94 31.13 -3.54
CA THR A 133 12.30 31.35 -4.10
C THR A 133 12.85 30.03 -4.62
N ALA A 134 12.64 28.94 -3.87
CA ALA A 134 13.20 27.65 -4.28
C ALA A 134 12.34 26.99 -5.36
N MET A 135 11.02 27.03 -5.26
CA MET A 135 10.18 26.17 -6.11
C MET A 135 9.83 26.88 -7.44
N ASP A 136 10.03 28.19 -7.54
CA ASP A 136 9.56 28.90 -8.74
C ASP A 136 10.23 28.35 -9.99
N SER A 137 11.48 27.89 -9.92
CA SER A 137 12.20 27.40 -11.13
C SER A 137 11.85 25.93 -11.43
N THR A 138 11.06 25.25 -10.56
CA THR A 138 10.60 23.88 -10.81
C THR A 138 9.31 23.90 -11.63
N ASP A 139 9.02 22.81 -12.31
CA ASP A 139 7.76 22.71 -13.10
C ASP A 139 6.81 21.71 -12.46
N ALA A 140 7.02 21.34 -11.19
CA ALA A 140 6.00 20.55 -10.48
C ALA A 140 4.80 21.40 -10.04
N ASP A 141 3.60 20.85 -10.06
CA ASP A 141 2.45 21.47 -9.36
C ASP A 141 2.76 21.40 -7.86
N VAL A 142 2.69 22.53 -7.17
CA VAL A 142 3.01 22.61 -5.72
C VAL A 142 1.69 22.85 -4.99
N VAL A 143 1.38 21.98 -4.05
CA VAL A 143 0.20 22.13 -3.17
C VAL A 143 0.68 22.30 -1.74
N ILE A 144 0.44 23.49 -1.22
CA ILE A 144 0.87 23.86 0.13
C ILE A 144 -0.22 23.43 1.07
N TYR A 145 0.13 22.75 2.14
CA TYR A 145 -0.83 22.33 3.18
C TYR A 145 -0.63 23.16 4.45
N CYS A 146 -1.76 23.57 5.03
CA CYS A 146 -1.78 24.35 6.28
C CYS A 146 -2.98 23.87 7.10
N ARG A 147 -3.05 24.28 8.37
CA ARG A 147 -4.18 23.87 9.22
C ARG A 147 -5.04 25.07 9.67
N ASP A 148 -4.51 26.28 9.64
CA ASP A 148 -5.18 27.47 10.23
C ASP A 148 -5.99 28.20 9.15
N LYS A 149 -7.22 28.58 9.48
CA LYS A 149 -8.14 29.21 8.50
C LYS A 149 -7.59 30.55 8.00
N GLU A 150 -6.98 31.33 8.89
CA GLU A 150 -6.44 32.65 8.51
C GLU A 150 -5.17 32.47 7.66
N TRP A 151 -4.36 31.46 7.99
CA TRP A 151 -3.19 31.16 7.14
C TRP A 151 -3.61 30.73 5.74
N GLU A 152 -4.67 29.96 5.61
CA GLU A 152 -5.14 29.53 4.26
C GLU A 152 -5.39 30.77 3.41
N LYS A 153 -6.12 31.74 3.99
CA LYS A 153 -6.52 32.96 3.27
C LYS A 153 -5.26 33.73 2.86
N LYS A 154 -4.31 33.89 3.79
CA LYS A 154 -3.09 34.67 3.55
C LYS A 154 -2.19 33.99 2.51
N ILE A 155 -2.06 32.65 2.59
CA ILE A 155 -1.29 31.91 1.55
C ILE A 155 -1.99 32.02 0.19
N SER A 156 -3.31 31.85 0.16
CA SER A 156 -4.11 31.95 -1.08
C SER A 156 -3.93 33.33 -1.71
N GLU A 157 -3.96 34.36 -0.87
CA GLU A 157 -3.76 35.75 -1.37
C GLU A 157 -2.37 35.90 -1.97
N ALA A 158 -1.34 35.40 -1.29
CA ALA A 158 0.04 35.53 -1.76
C ALA A 158 0.19 34.79 -3.09
N ILE A 159 -0.47 33.64 -3.25
CA ILE A 159 -0.39 32.88 -4.52
C ILE A 159 -1.05 33.73 -5.63
N GLN A 160 -2.30 34.16 -5.40
CA GLN A 160 -3.17 34.77 -6.44
C GLN A 160 -2.59 36.11 -6.90
N MET A 161 -1.88 36.80 -6.00
CA MET A 161 -1.34 38.17 -6.21
C MET A 161 -0.12 38.15 -7.15
N ARG A 162 0.48 36.97 -7.40
CA ARG A 162 1.66 36.88 -8.30
C ARG A 162 1.23 36.33 -9.66
N THR A 163 -0.01 35.86 -9.81
CA THR A 163 -0.57 35.35 -11.10
C THR A 163 -0.95 36.52 -12.00
N GLY B 1 -25.87 11.71 -19.85
CA GLY B 1 -26.64 10.52 -19.36
C GLY B 1 -25.87 9.24 -19.57
N ALA B 2 -26.14 8.22 -18.75
CA ALA B 2 -25.73 6.83 -19.00
C ALA B 2 -26.52 6.29 -20.19
N MET B 3 -25.93 5.42 -21.02
CA MET B 3 -26.59 5.01 -22.27
C MET B 3 -27.86 4.20 -21.94
N ALA B 4 -27.82 3.50 -20.82
CA ALA B 4 -28.96 2.70 -20.30
C ALA B 4 -29.02 2.93 -18.79
N PRO B 5 -29.56 4.09 -18.37
CA PRO B 5 -29.51 4.45 -16.96
C PRO B 5 -29.93 3.27 -16.08
N SER B 6 -29.13 2.98 -15.06
CA SER B 6 -29.35 1.82 -14.19
C SER B 6 -29.25 2.26 -12.73
N TYR B 7 -29.72 1.37 -11.90
CA TYR B 7 -29.41 1.29 -10.46
C TYR B 7 -28.59 0.03 -10.17
N ARG B 8 -27.54 0.18 -9.35
CA ARG B 8 -26.74 -0.96 -8.83
C ARG B 8 -26.52 -0.77 -7.34
N VAL B 9 -26.20 -1.82 -6.62
CA VAL B 9 -25.82 -1.70 -5.19
C VAL B 9 -24.43 -2.31 -4.99
N LYS B 10 -23.62 -1.67 -4.17
CA LYS B 10 -22.28 -2.18 -3.80
C LYS B 10 -22.20 -2.15 -2.28
N ARG B 11 -21.77 -3.26 -1.70
CA ARG B 11 -21.52 -3.35 -0.24
C ARG B 11 -20.05 -3.04 0.04
N MET B 12 -19.72 -1.78 0.30
CA MET B 12 -18.33 -1.34 0.54
C MET B 12 -18.40 0.12 0.97
N ASP B 13 -17.26 0.62 1.41
CA ASP B 13 -17.01 2.04 1.77
C ASP B 13 -17.19 2.95 0.56
N ILE B 14 -18.14 3.86 0.67
CA ILE B 14 -18.52 4.72 -0.49
C ILE B 14 -17.35 5.66 -0.82
N ALA B 15 -16.38 5.84 0.10
CA ALA B 15 -15.16 6.61 -0.24
C ALA B 15 -14.30 5.94 -1.34
N LYS B 16 -14.48 4.66 -1.61
CA LYS B 16 -13.79 3.93 -2.70
C LYS B 16 -14.64 3.83 -3.97
N ASN B 17 -15.70 4.63 -4.10
CA ASN B 17 -16.59 4.53 -5.26
C ASN B 17 -15.82 4.88 -6.54
N ASP B 18 -16.26 4.29 -7.66
CA ASP B 18 -15.74 4.54 -9.04
C ASP B 18 -16.81 5.29 -9.86
N GLU B 19 -17.56 6.20 -9.22
CA GLU B 19 -18.54 7.06 -9.91
C GLU B 19 -18.00 8.47 -10.02
N GLU B 20 -18.69 9.27 -10.82
CA GLU B 20 -18.24 10.62 -11.22
C GLU B 20 -18.46 11.62 -10.07
N CYS B 21 -19.25 11.23 -9.05
CA CYS B 21 -19.47 12.10 -7.88
C CYS B 21 -20.01 11.25 -6.75
N VAL B 22 -19.99 11.81 -5.54
CA VAL B 22 -20.40 11.11 -4.32
C VAL B 22 -21.39 11.99 -3.56
N VAL B 23 -22.38 11.31 -3.01
CA VAL B 23 -23.31 11.92 -2.01
C VAL B 23 -22.86 11.55 -0.61
N ASN B 24 -22.55 12.56 0.18
CA ASN B 24 -22.26 12.39 1.61
C ASN B 24 -23.59 12.39 2.38
N ALA B 25 -23.71 11.49 3.33
CA ALA B 25 -24.78 11.52 4.34
C ALA B 25 -24.33 12.49 5.42
N ALA B 26 -24.48 13.76 5.15
CA ALA B 26 -23.89 14.86 5.94
C ALA B 26 -24.74 15.20 7.16
N ASN B 27 -24.11 15.92 8.08
CA ASN B 27 -24.82 16.65 9.13
C ASN B 27 -24.97 18.10 8.71
N PRO B 28 -25.86 18.86 9.35
CA PRO B 28 -26.12 20.24 8.90
C PRO B 28 -24.95 21.19 9.10
N ARG B 29 -23.95 20.82 9.92
CA ARG B 29 -22.93 21.80 10.32
C ARG B 29 -21.63 21.51 9.61
N GLY B 30 -21.59 20.52 8.72
CA GLY B 30 -20.35 20.23 7.98
C GLY B 30 -19.27 19.70 8.91
N LEU B 31 -19.66 18.95 9.91
CA LEU B 31 -18.71 18.30 10.85
C LEU B 31 -18.38 16.93 10.34
N PRO B 32 -17.27 16.29 10.80
CA PRO B 32 -16.90 14.95 10.33
C PRO B 32 -17.88 13.79 10.57
N GLY B 33 -18.59 13.79 11.68
CA GLY B 33 -19.72 12.84 11.86
C GLY B 33 -19.33 11.39 12.05
N ASP B 34 -20.25 10.48 11.74
CA ASP B 34 -20.13 9.00 11.88
C ASP B 34 -20.37 8.34 10.52
N GLY B 35 -20.19 7.02 10.46
CA GLY B 35 -20.54 6.18 9.29
C GLY B 35 -19.98 6.75 8.03
N VAL B 36 -20.83 6.87 7.01
CA VAL B 36 -20.48 7.40 5.66
C VAL B 36 -19.77 8.75 5.79
N CYS B 37 -20.28 9.65 6.63
CA CYS B 37 -19.75 11.01 6.76
C CYS B 37 -18.28 10.95 7.17
N LYS B 38 -17.96 10.06 8.11
CA LYS B 38 -16.59 9.96 8.65
C LYS B 38 -15.66 9.42 7.54
N ALA B 39 -16.16 8.45 6.80
CA ALA B 39 -15.46 7.88 5.63
C ALA B 39 -15.22 8.97 4.57
N VAL B 40 -16.20 9.83 4.28
CA VAL B 40 -16.01 10.93 3.30
C VAL B 40 -15.03 11.97 3.81
N TYR B 41 -15.05 12.27 5.10
CA TYR B 41 -14.15 13.26 5.70
C TYR B 41 -12.73 12.71 5.58
N LYS B 42 -12.59 11.40 5.72
CA LYS B 42 -11.21 10.82 5.71
C LYS B 42 -10.54 11.06 4.35
N LYS B 43 -11.29 11.13 3.24
CA LYS B 43 -10.69 11.24 1.87
C LYS B 43 -10.81 12.69 1.36
N TRP B 44 -11.94 13.34 1.61
CA TRP B 44 -12.20 14.68 1.06
C TRP B 44 -12.53 15.66 2.18
N PRO B 45 -11.65 15.85 3.19
CA PRO B 45 -11.95 16.81 4.23
C PRO B 45 -12.10 18.22 3.70
N GLU B 46 -11.37 18.61 2.65
CA GLU B 46 -11.48 19.98 2.08
C GLU B 46 -12.84 20.15 1.39
N SER B 47 -13.56 19.06 1.17
CA SER B 47 -14.98 19.12 0.72
C SER B 47 -15.88 19.65 1.82
N PHE B 48 -15.42 19.74 3.07
CA PHE B 48 -16.24 20.23 4.19
C PHE B 48 -16.06 21.74 4.38
N LYS B 49 -15.28 22.41 3.53
CA LYS B 49 -15.15 23.87 3.59
C LYS B 49 -16.50 24.47 3.23
N ASN B 50 -17.14 25.11 4.20
CA ASN B 50 -18.41 25.83 3.98
C ASN B 50 -19.45 24.85 3.44
N SER B 51 -19.45 23.63 3.93
CA SER B 51 -20.46 22.64 3.51
C SER B 51 -21.70 22.65 4.41
N ALA B 52 -21.73 23.40 5.51
CA ALA B 52 -22.92 23.47 6.38
C ALA B 52 -24.15 23.83 5.52
N THR B 53 -25.26 23.14 5.72
CA THR B 53 -26.49 23.40 4.92
C THR B 53 -27.64 22.87 5.77
N PRO B 54 -28.88 23.35 5.60
CA PRO B 54 -29.96 22.86 6.40
C PRO B 54 -30.44 21.45 6.10
N VAL B 55 -31.16 20.89 7.08
CA VAL B 55 -31.83 19.58 6.92
C VAL B 55 -32.73 19.66 5.70
N GLY B 56 -32.74 18.60 4.89
CA GLY B 56 -33.59 18.54 3.70
C GLY B 56 -32.96 19.21 2.48
N THR B 57 -31.69 19.60 2.54
CA THR B 57 -30.96 20.22 1.43
C THR B 57 -29.68 19.48 1.09
N ALA B 58 -29.17 19.82 -0.07
CA ALA B 58 -27.87 19.33 -0.56
C ALA B 58 -27.02 20.52 -0.97
N LYS B 59 -25.76 20.46 -0.57
CA LYS B 59 -24.77 21.47 -0.94
C LYS B 59 -23.53 20.80 -1.50
N THR B 60 -23.11 21.19 -2.72
CA THR B 60 -21.99 20.53 -3.41
C THR B 60 -20.73 21.38 -3.26
N VAL B 61 -19.68 20.73 -2.84
CA VAL B 61 -18.32 21.33 -2.80
C VAL B 61 -17.44 20.49 -3.72
N MET B 62 -16.78 21.21 -4.66
CA MET B 62 -15.87 20.64 -5.65
C MET B 62 -14.51 20.42 -4.98
N CYS B 63 -13.99 19.22 -5.12
CA CYS B 63 -12.59 18.91 -4.81
C CYS B 63 -11.88 18.76 -6.15
N GLY B 64 -11.38 19.86 -6.71
CA GLY B 64 -10.88 19.77 -8.08
C GLY B 64 -12.06 19.53 -9.00
N THR B 65 -12.05 18.45 -9.76
CA THR B 65 -13.12 18.17 -10.73
C THR B 65 -14.17 17.28 -10.07
N TYR B 66 -13.93 16.81 -8.83
CA TYR B 66 -14.77 15.74 -8.22
C TYR B 66 -15.81 16.37 -7.29
N PRO B 67 -17.11 16.29 -7.62
CA PRO B 67 -18.15 16.84 -6.76
C PRO B 67 -18.48 15.93 -5.57
N VAL B 68 -18.52 16.58 -4.39
CA VAL B 68 -19.06 16.00 -3.14
C VAL B 68 -20.36 16.70 -2.82
N ILE B 69 -21.43 15.92 -2.90
CA ILE B 69 -22.80 16.45 -2.68
C ILE B 69 -23.23 16.13 -1.24
N HIS B 70 -23.15 17.14 -0.40
CA HIS B 70 -23.52 16.97 1.03
C HIS B 70 -25.04 17.02 1.17
N ALA B 71 -25.64 15.86 1.43
CA ALA B 71 -27.10 15.72 1.54
C ALA B 71 -27.46 15.51 3.02
N VAL B 72 -28.26 16.40 3.55
CA VAL B 72 -28.59 16.40 5.01
C VAL B 72 -29.96 15.78 5.22
N GLY B 73 -30.00 14.50 5.56
CA GLY B 73 -31.23 13.83 6.01
C GLY B 73 -31.55 14.22 7.46
N PRO B 74 -32.82 14.10 7.84
CA PRO B 74 -33.22 14.42 9.20
C PRO B 74 -32.73 13.35 10.16
N ASN B 75 -32.47 13.80 11.39
CA ASN B 75 -32.24 12.89 12.54
C ASN B 75 -33.60 12.58 13.15
N PHE B 76 -34.08 11.36 12.96
CA PHE B 76 -35.37 10.91 13.52
C PHE B 76 -35.33 10.84 15.07
N SER B 77 -34.21 11.06 15.71
CA SER B 77 -34.22 11.29 17.18
C SER B 77 -34.87 12.64 17.48
N ASN B 78 -34.85 13.57 16.55
CA ASN B 78 -35.30 14.98 16.75
C ASN B 78 -36.59 15.30 16.03
N TYR B 79 -36.77 14.75 14.82
CA TYR B 79 -37.96 14.97 13.96
C TYR B 79 -39.03 13.92 14.30
N THR B 80 -40.29 14.31 14.19
CA THR B 80 -41.40 13.37 14.21
C THR B 80 -41.36 12.54 12.94
N GLU B 81 -42.07 11.44 12.97
CA GLU B 81 -42.13 10.58 11.76
C GLU B 81 -42.66 11.38 10.57
N SER B 82 -43.66 12.19 10.76
CA SER B 82 -44.28 12.99 9.68
C SER B 82 -43.29 14.03 9.14
N GLU B 83 -42.67 14.79 10.02
CA GLU B 83 -41.81 15.90 9.55
C GLU B 83 -40.53 15.28 8.96
N GLY B 84 -40.00 14.24 9.58
CA GLY B 84 -38.78 13.57 9.07
C GLY B 84 -39.05 13.01 7.73
N ASP B 85 -40.23 12.42 7.51
CA ASP B 85 -40.46 11.77 6.20
C ASP B 85 -40.40 12.84 5.12
N ARG B 86 -40.94 14.02 5.37
CA ARG B 86 -40.93 15.11 4.40
C ARG B 86 -39.48 15.55 4.16
N GLU B 87 -38.69 15.74 5.21
CA GLU B 87 -37.32 16.26 5.07
C GLU B 87 -36.45 15.21 4.35
N LEU B 88 -36.69 13.95 4.60
CA LEU B 88 -35.91 12.87 3.94
C LEU B 88 -36.21 12.90 2.44
N ALA B 89 -37.47 12.98 2.04
CA ALA B 89 -37.85 13.11 0.62
C ALA B 89 -37.18 14.34 0.04
N ALA B 90 -37.17 15.46 0.74
CA ALA B 90 -36.62 16.74 0.26
C ALA B 90 -35.11 16.59 0.01
N ALA B 91 -34.38 15.94 0.92
CA ALA B 91 -32.93 15.84 0.73
C ALA B 91 -32.65 15.11 -0.55
N TYR B 92 -33.34 14.00 -0.77
CA TYR B 92 -33.13 13.23 -2.01
C TYR B 92 -33.52 14.05 -3.25
N ARG B 93 -34.59 14.80 -3.21
CA ARG B 93 -34.98 15.68 -4.34
C ARG B 93 -33.86 16.65 -4.66
N GLU B 94 -33.20 17.24 -3.66
N GLU B 94 -33.21 17.17 -3.65
CA GLU B 94 -32.05 18.16 -3.92
CA GLU B 94 -32.12 18.15 -3.83
C GLU B 94 -30.87 17.39 -4.48
C GLU B 94 -30.88 17.43 -4.39
N VAL B 95 -30.63 16.17 -4.03
CA VAL B 95 -29.56 15.35 -4.62
C VAL B 95 -29.86 15.22 -6.13
N ALA B 96 -31.09 14.87 -6.51
CA ALA B 96 -31.44 14.67 -7.93
C ALA B 96 -31.17 15.94 -8.72
N LYS B 97 -31.52 17.10 -8.19
CA LYS B 97 -31.27 18.40 -8.83
C LYS B 97 -29.77 18.60 -9.01
N GLU B 98 -28.96 18.34 -8.00
CA GLU B 98 -27.52 18.55 -8.09
C GLU B 98 -26.90 17.57 -9.07
N VAL B 99 -27.28 16.29 -9.03
CA VAL B 99 -26.73 15.31 -9.98
C VAL B 99 -27.03 15.81 -11.41
N THR B 100 -28.23 16.30 -11.64
CA THR B 100 -28.66 16.79 -12.98
C THR B 100 -27.80 18.00 -13.33
N ARG B 101 -27.70 18.95 -12.42
CA ARG B 101 -26.94 20.21 -12.66
C ARG B 101 -25.51 19.87 -13.05
N LEU B 102 -24.89 18.96 -12.33
CA LEU B 102 -23.47 18.61 -12.48
C LEU B 102 -23.21 17.93 -13.83
N GLY B 103 -24.23 17.33 -14.45
CA GLY B 103 -24.10 16.63 -15.75
C GLY B 103 -23.29 15.37 -15.67
N VAL B 104 -23.15 14.78 -14.47
CA VAL B 104 -22.42 13.51 -14.27
C VAL B 104 -23.22 12.39 -14.95
N ASN B 105 -22.50 11.35 -15.34
CA ASN B 105 -23.13 10.13 -15.88
C ASN B 105 -23.25 9.05 -14.81
N SER B 106 -22.65 9.26 -13.63
CA SER B 106 -22.81 8.31 -12.51
C SER B 106 -22.70 9.06 -11.19
N VAL B 107 -23.26 8.44 -10.16
CA VAL B 107 -23.26 8.97 -8.77
C VAL B 107 -23.31 7.81 -7.80
N ALA B 108 -22.52 7.91 -6.73
CA ALA B 108 -22.47 7.00 -5.57
C ALA B 108 -23.34 7.64 -4.48
N ILE B 109 -24.36 6.92 -4.02
N ILE B 109 -24.37 6.92 -4.04
CA ILE B 109 -25.31 7.45 -3.01
CA ILE B 109 -25.38 7.41 -3.05
C ILE B 109 -25.49 6.46 -1.87
C ILE B 109 -25.48 6.44 -1.86
N PRO B 110 -25.47 6.95 -0.61
CA PRO B 110 -25.79 6.12 0.54
C PRO B 110 -27.27 6.26 0.89
N LEU B 111 -27.78 5.44 1.78
CA LEU B 111 -29.19 5.54 2.21
C LEU B 111 -29.23 6.53 3.37
N LEU B 112 -29.71 7.73 3.09
CA LEU B 112 -29.85 8.81 4.06
C LEU B 112 -30.75 8.39 5.23
N SER B 113 -30.36 8.84 6.42
CA SER B 113 -31.13 8.70 7.69
C SER B 113 -31.23 7.21 8.11
N THR B 114 -30.34 6.33 7.68
CA THR B 114 -30.47 4.88 8.03
C THR B 114 -29.48 4.49 9.12
N GLY B 115 -28.53 5.35 9.45
CA GLY B 115 -27.55 5.01 10.52
C GLY B 115 -27.89 5.70 11.83
N VAL B 116 -26.99 6.54 12.33
CA VAL B 116 -27.21 7.21 13.65
C VAL B 116 -28.36 8.22 13.54
N TYR B 117 -28.84 8.63 12.35
CA TYR B 117 -30.04 9.47 12.24
C TYR B 117 -31.34 8.66 12.14
N SER B 118 -31.30 7.34 12.31
CA SER B 118 -32.51 6.48 12.10
C SER B 118 -33.46 6.55 13.31
N GLY B 119 -33.01 7.07 14.44
CA GLY B 119 -33.82 7.03 15.67
C GLY B 119 -34.04 5.58 16.12
N GLY B 120 -33.08 4.71 15.86
CA GLY B 120 -33.14 3.29 16.27
C GLY B 120 -34.13 2.44 15.49
N LYS B 121 -34.60 2.88 14.30
CA LYS B 121 -35.55 2.11 13.47
C LYS B 121 -34.85 1.67 12.18
N ASP B 122 -35.30 0.55 11.62
CA ASP B 122 -34.90 0.04 10.29
C ASP B 122 -35.58 0.93 9.25
N ARG B 123 -34.81 1.75 8.53
CA ARG B 123 -35.43 2.68 7.55
C ARG B 123 -35.00 2.35 6.12
N LEU B 124 -34.52 1.13 5.85
CA LEU B 124 -34.06 0.78 4.49
C LEU B 124 -35.18 1.11 3.51
N THR B 125 -36.37 0.55 3.70
CA THR B 125 -37.46 0.68 2.71
C THR B 125 -37.85 2.15 2.55
N GLN B 126 -37.97 2.89 3.63
CA GLN B 126 -38.38 4.31 3.60
C GLN B 126 -37.33 5.08 2.81
N SER B 127 -36.06 4.88 3.15
CA SER B 127 -34.98 5.70 2.59
C SER B 127 -34.85 5.32 1.11
N LEU B 128 -34.90 4.06 0.77
CA LEU B 128 -34.74 3.62 -0.64
C LEU B 128 -35.94 4.13 -1.46
N ASN B 129 -37.14 4.16 -0.88
CA ASN B 129 -38.34 4.65 -1.60
C ASN B 129 -38.12 6.12 -1.95
N HIS B 130 -37.64 6.92 -1.01
CA HIS B 130 -37.44 8.34 -1.31
C HIS B 130 -36.29 8.50 -2.32
N LEU B 131 -35.28 7.66 -2.26
CA LEU B 131 -34.13 7.73 -3.22
C LEU B 131 -34.69 7.50 -4.63
N PHE B 132 -35.42 6.40 -4.80
CA PHE B 132 -36.02 6.11 -6.11
C PHE B 132 -36.94 7.25 -6.54
N THR B 133 -37.82 7.73 -5.67
CA THR B 133 -38.77 8.79 -6.06
C THR B 133 -38.00 9.97 -6.68
N ALA B 134 -36.85 10.35 -6.10
CA ALA B 134 -36.08 11.48 -6.57
C ALA B 134 -35.25 11.12 -7.82
N MET B 135 -34.58 9.98 -7.79
CA MET B 135 -33.56 9.63 -8.79
C MET B 135 -34.20 9.02 -10.05
N ASP B 136 -35.44 8.55 -10.02
CA ASP B 136 -35.99 7.78 -11.16
C ASP B 136 -35.99 8.66 -12.41
N SER B 137 -36.25 9.94 -12.29
CA SER B 137 -36.34 10.85 -13.46
C SER B 137 -34.96 11.28 -13.96
N THR B 138 -33.88 10.98 -13.26
CA THR B 138 -32.50 11.32 -13.67
C THR B 138 -31.98 10.22 -14.60
N ASP B 139 -30.99 10.54 -15.44
CA ASP B 139 -30.42 9.52 -16.34
C ASP B 139 -29.01 9.15 -15.94
N ALA B 140 -28.55 9.53 -14.74
CA ALA B 140 -27.25 9.03 -14.26
C ALA B 140 -27.33 7.55 -13.85
N ASP B 141 -26.24 6.82 -14.04
CA ASP B 141 -26.08 5.52 -13.36
C ASP B 141 -25.96 5.77 -11.86
N VAL B 142 -26.88 5.21 -11.11
CA VAL B 142 -26.90 5.37 -9.63
C VAL B 142 -26.35 4.09 -9.02
N VAL B 143 -25.35 4.25 -8.15
CA VAL B 143 -24.75 3.15 -7.37
C VAL B 143 -25.01 3.44 -5.89
N ILE B 144 -25.85 2.59 -5.32
CA ILE B 144 -26.25 2.70 -3.91
C ILE B 144 -25.24 1.94 -3.07
N TYR B 145 -24.70 2.57 -2.02
CA TYR B 145 -23.68 1.91 -1.16
C TYR B 145 -24.35 1.52 0.17
N CYS B 146 -23.91 0.41 0.72
CA CYS B 146 -24.35 -0.07 2.04
C CYS B 146 -23.20 -0.86 2.63
N ARG B 147 -23.28 -1.22 3.91
CA ARG B 147 -22.21 -2.09 4.48
C ARG B 147 -22.74 -3.46 4.89
N ASP B 148 -24.03 -3.55 5.20
CA ASP B 148 -24.67 -4.75 5.81
C ASP B 148 -25.06 -5.74 4.69
N LYS B 149 -24.74 -7.02 4.88
CA LYS B 149 -24.98 -8.06 3.86
C LYS B 149 -26.48 -8.27 3.61
N GLU B 150 -27.30 -8.25 4.66
CA GLU B 150 -28.78 -8.40 4.55
C GLU B 150 -29.32 -7.22 3.73
N TRP B 151 -28.87 -6.01 4.07
CA TRP B 151 -29.32 -4.78 3.35
C TRP B 151 -28.88 -4.81 1.89
N GLU B 152 -27.64 -5.24 1.59
CA GLU B 152 -27.23 -5.40 0.17
C GLU B 152 -28.26 -6.27 -0.55
N LYS B 153 -28.66 -7.38 0.05
CA LYS B 153 -29.59 -8.35 -0.58
C LYS B 153 -30.97 -7.72 -0.74
N LYS B 154 -31.49 -7.01 0.27
CA LYS B 154 -32.82 -6.36 0.17
C LYS B 154 -32.77 -5.21 -0.84
N ILE B 155 -31.68 -4.45 -0.89
CA ILE B 155 -31.61 -3.35 -1.90
C ILE B 155 -31.57 -3.96 -3.30
N SER B 156 -30.71 -4.96 -3.51
CA SER B 156 -30.59 -5.66 -4.80
C SER B 156 -31.97 -6.15 -5.24
N GLU B 157 -32.68 -6.80 -4.30
CA GLU B 157 -34.04 -7.34 -4.51
C GLU B 157 -34.92 -6.21 -5.05
N ALA B 158 -35.01 -5.11 -4.30
CA ALA B 158 -35.88 -3.95 -4.61
C ALA B 158 -35.52 -3.43 -6.01
N ILE B 159 -34.24 -3.38 -6.40
CA ILE B 159 -33.85 -2.87 -7.74
C ILE B 159 -34.40 -3.80 -8.82
N GLN B 160 -34.15 -5.10 -8.67
CA GLN B 160 -34.44 -6.10 -9.74
C GLN B 160 -35.95 -6.29 -9.90
N MET B 161 -36.74 -6.03 -8.85
CA MET B 161 -38.22 -6.28 -8.85
C MET B 161 -38.97 -5.17 -9.60
N ARG B 162 -38.30 -4.09 -10.01
CA ARG B 162 -38.98 -2.96 -10.71
C ARG B 162 -38.88 -3.04 -12.22
N THR B 163 -37.96 -3.88 -12.72
CA THR B 163 -37.61 -4.05 -14.15
C THR B 163 -38.23 -5.35 -14.68
N GLY C 1 7.55 -26.41 -4.84
CA GLY C 1 8.25 -25.26 -5.50
C GLY C 1 8.98 -25.69 -6.76
N ALA C 2 9.19 -24.76 -7.67
CA ALA C 2 10.10 -24.91 -8.83
C ALA C 2 11.51 -25.19 -8.30
N MET C 3 12.27 -26.03 -9.00
CA MET C 3 13.65 -26.43 -8.63
C MET C 3 14.58 -25.21 -8.66
N ALA C 4 14.36 -24.28 -9.60
CA ALA C 4 15.16 -23.05 -9.74
C ALA C 4 14.15 -21.95 -10.01
N PRO C 5 13.47 -21.46 -8.95
CA PRO C 5 12.36 -20.53 -9.17
C PRO C 5 12.80 -19.36 -10.07
N SER C 6 12.03 -19.07 -11.10
CA SER C 6 12.35 -17.98 -12.06
C SER C 6 11.20 -16.99 -12.24
N TYR C 7 11.53 -15.89 -12.91
CA TYR C 7 10.58 -14.94 -13.52
C TYR C 7 10.71 -14.98 -15.04
N ARG C 8 9.59 -14.95 -15.73
CA ARG C 8 9.52 -14.85 -17.20
C ARG C 8 8.40 -13.88 -17.57
N VAL C 9 8.44 -13.35 -18.76
CA VAL C 9 7.35 -12.50 -19.30
C VAL C 9 6.91 -13.09 -20.64
N LYS C 10 5.61 -13.01 -20.90
CA LYS C 10 4.98 -13.43 -22.16
C LYS C 10 4.02 -12.35 -22.62
N ARG C 11 4.05 -12.05 -23.91
CA ARG C 11 3.12 -11.14 -24.60
C ARG C 11 2.03 -12.05 -25.19
N MET C 12 0.96 -12.32 -24.43
CA MET C 12 -0.24 -13.07 -24.92
C MET C 12 -1.39 -12.92 -23.92
N ASP C 13 -2.55 -13.49 -24.24
CA ASP C 13 -3.75 -13.52 -23.35
C ASP C 13 -3.45 -14.44 -22.16
N ILE C 14 -3.55 -13.88 -20.97
CA ILE C 14 -3.33 -14.64 -19.71
C ILE C 14 -4.38 -15.75 -19.60
N ALA C 15 -5.50 -15.62 -20.33
CA ALA C 15 -6.58 -16.63 -20.33
C ALA C 15 -6.11 -17.92 -20.99
N LYS C 16 -5.00 -17.87 -21.72
N LYS C 16 -4.99 -17.88 -21.72
CA LYS C 16 -4.36 -19.00 -22.45
CA LYS C 16 -4.40 -19.05 -22.41
C LYS C 16 -3.03 -19.41 -21.81
C LYS C 16 -3.02 -19.37 -21.82
N ASN C 17 -2.82 -19.08 -20.53
CA ASN C 17 -1.53 -19.33 -19.86
C ASN C 17 -1.22 -20.83 -19.74
N ASP C 18 0.05 -21.09 -19.56
CA ASP C 18 0.60 -22.46 -19.38
C ASP C 18 1.06 -22.71 -17.94
N GLU C 19 0.48 -22.05 -16.95
CA GLU C 19 0.87 -22.23 -15.56
C GLU C 19 -0.23 -22.90 -14.74
N GLU C 20 0.12 -23.27 -13.52
CA GLU C 20 -0.75 -24.09 -12.63
C GLU C 20 -1.87 -23.26 -12.00
N CYS C 21 -1.81 -21.93 -12.09
CA CYS C 21 -2.89 -21.08 -11.56
C CYS C 21 -2.76 -19.70 -12.17
N VAL C 22 -3.80 -18.90 -12.05
CA VAL C 22 -3.87 -17.59 -12.70
C VAL C 22 -4.25 -16.57 -11.64
N VAL C 23 -3.67 -15.38 -11.78
CA VAL C 23 -4.09 -14.19 -11.00
C VAL C 23 -4.96 -13.35 -11.90
N ASN C 24 -6.16 -13.06 -11.39
CA ASN C 24 -7.13 -12.18 -12.06
C ASN C 24 -6.95 -10.75 -11.47
N ALA C 25 -6.90 -9.77 -12.37
CA ALA C 25 -6.92 -8.34 -11.98
C ALA C 25 -8.39 -7.99 -11.70
N ALA C 26 -8.82 -8.40 -10.52
CA ALA C 26 -10.24 -8.48 -10.10
C ALA C 26 -10.73 -7.10 -9.66
N ASN C 27 -12.03 -7.02 -9.38
CA ASN C 27 -12.65 -5.81 -8.77
C ASN C 27 -13.20 -6.18 -7.40
N PRO C 28 -13.45 -5.21 -6.50
CA PRO C 28 -13.81 -5.52 -5.12
C PRO C 28 -15.10 -6.36 -4.89
N ARG C 29 -16.06 -6.31 -5.80
CA ARG C 29 -17.37 -6.99 -5.64
C ARG C 29 -17.46 -8.16 -6.63
N GLY C 30 -16.32 -8.59 -7.16
CA GLY C 30 -16.20 -9.91 -7.82
C GLY C 30 -17.01 -9.99 -9.09
N LEU C 31 -17.09 -8.89 -9.81
CA LEU C 31 -17.86 -8.75 -11.05
C LEU C 31 -17.00 -9.05 -12.26
N PRO C 32 -17.62 -9.32 -13.41
CA PRO C 32 -16.89 -9.61 -14.65
C PRO C 32 -15.90 -8.51 -15.07
N GLY C 33 -16.20 -7.24 -14.78
CA GLY C 33 -15.24 -6.14 -14.99
C GLY C 33 -14.89 -5.99 -16.46
N ASP C 34 -13.67 -5.50 -16.71
CA ASP C 34 -13.15 -5.16 -18.07
C ASP C 34 -11.67 -5.57 -18.14
N GLY C 35 -11.12 -5.63 -19.35
CA GLY C 35 -9.70 -5.99 -19.58
C GLY C 35 -9.39 -7.42 -19.16
N VAL C 36 -8.29 -7.62 -18.43
CA VAL C 36 -7.85 -8.97 -17.96
C VAL C 36 -9.05 -9.66 -17.31
N CYS C 37 -9.73 -8.95 -16.42
CA CYS C 37 -10.80 -9.46 -15.52
C CYS C 37 -11.93 -10.07 -16.35
N LYS C 38 -12.30 -9.43 -17.46
CA LYS C 38 -13.35 -9.91 -18.39
C LYS C 38 -12.88 -11.19 -19.10
N ALA C 39 -11.65 -11.24 -19.61
CA ALA C 39 -11.10 -12.43 -20.31
C ALA C 39 -11.03 -13.61 -19.32
N VAL C 40 -10.70 -13.35 -18.07
CA VAL C 40 -10.67 -14.35 -16.97
C VAL C 40 -12.11 -14.82 -16.70
N TYR C 41 -13.06 -13.90 -16.58
CA TYR C 41 -14.49 -14.25 -16.36
C TYR C 41 -14.98 -15.15 -17.50
N LYS C 42 -14.58 -14.93 -18.75
CA LYS C 42 -15.05 -15.75 -19.89
C LYS C 42 -14.41 -17.14 -19.83
N LYS C 43 -13.13 -17.23 -19.43
CA LYS C 43 -12.40 -18.52 -19.37
C LYS C 43 -12.81 -19.31 -18.13
N TRP C 44 -13.00 -18.65 -16.99
CA TRP C 44 -13.20 -19.31 -15.69
C TRP C 44 -14.38 -18.70 -14.91
N PRO C 45 -15.60 -18.63 -15.50
CA PRO C 45 -16.75 -18.02 -14.84
C PRO C 45 -17.07 -18.58 -13.46
N GLU C 46 -16.92 -19.90 -13.31
CA GLU C 46 -17.18 -20.62 -12.04
C GLU C 46 -16.34 -20.04 -10.90
N SER C 47 -15.15 -19.47 -11.21
CA SER C 47 -14.22 -18.92 -10.19
C SER C 47 -14.72 -17.58 -9.61
N PHE C 48 -15.82 -17.06 -10.15
CA PHE C 48 -16.41 -15.80 -9.63
C PHE C 48 -17.54 -16.02 -8.60
N LYS C 49 -17.86 -17.28 -8.37
CA LYS C 49 -18.86 -17.68 -7.36
C LYS C 49 -18.32 -17.12 -6.04
N ASN C 50 -18.87 -16.00 -5.57
CA ASN C 50 -18.48 -15.35 -4.30
C ASN C 50 -16.99 -14.99 -4.35
N SER C 51 -16.56 -14.26 -5.38
CA SER C 51 -15.13 -13.86 -5.55
C SER C 51 -14.87 -12.42 -5.08
N ALA C 52 -15.71 -11.85 -4.19
CA ALA C 52 -15.57 -10.46 -3.71
C ALA C 52 -14.55 -10.37 -2.59
N THR C 53 -13.65 -9.38 -2.62
CA THR C 53 -12.63 -9.23 -1.57
C THR C 53 -12.24 -7.75 -1.62
N PRO C 54 -11.85 -7.14 -0.50
CA PRO C 54 -11.55 -5.71 -0.51
C PRO C 54 -10.33 -5.37 -1.40
N VAL C 55 -10.24 -4.11 -1.79
CA VAL C 55 -9.00 -3.55 -2.38
C VAL C 55 -7.86 -3.89 -1.45
N GLY C 56 -6.71 -4.30 -2.03
CA GLY C 56 -5.49 -4.66 -1.30
C GLY C 56 -5.50 -6.11 -0.84
N THR C 57 -6.49 -6.88 -1.31
CA THR C 57 -6.74 -8.29 -0.93
C THR C 57 -6.75 -9.21 -2.14
N ALA C 58 -6.55 -10.51 -1.88
CA ALA C 58 -6.69 -11.56 -2.90
C ALA C 58 -7.54 -12.70 -2.34
N LYS C 59 -8.42 -13.24 -3.19
CA LYS C 59 -9.37 -14.34 -2.87
C LYS C 59 -9.23 -15.44 -3.93
N THR C 60 -8.92 -16.68 -3.53
CA THR C 60 -8.81 -17.77 -4.52
C THR C 60 -10.13 -18.50 -4.60
N VAL C 61 -10.63 -18.64 -5.80
CA VAL C 61 -11.77 -19.55 -6.10
C VAL C 61 -11.37 -20.53 -7.18
N MET C 62 -11.70 -21.81 -6.95
CA MET C 62 -11.41 -22.86 -7.95
C MET C 62 -12.39 -22.78 -9.10
N CYS C 63 -11.89 -23.07 -10.26
CA CYS C 63 -12.67 -23.40 -11.46
C CYS C 63 -12.36 -24.85 -11.80
N GLY C 64 -13.26 -25.80 -11.46
CA GLY C 64 -12.85 -27.20 -11.40
C GLY C 64 -11.76 -27.38 -10.38
N THR C 65 -10.54 -27.70 -10.78
CA THR C 65 -9.41 -27.76 -9.83
C THR C 65 -8.39 -26.63 -10.16
N TYR C 66 -8.74 -25.76 -11.11
CA TYR C 66 -7.79 -24.74 -11.62
C TYR C 66 -7.96 -23.49 -10.75
N PRO C 67 -6.95 -23.07 -9.95
CA PRO C 67 -7.15 -21.94 -9.03
C PRO C 67 -7.05 -20.60 -9.77
N VAL C 68 -8.05 -19.74 -9.50
CA VAL C 68 -8.06 -18.33 -9.96
C VAL C 68 -7.92 -17.47 -8.71
N ILE C 69 -6.80 -16.75 -8.61
CA ILE C 69 -6.49 -15.85 -7.48
C ILE C 69 -6.98 -14.46 -7.86
N HIS C 70 -8.15 -14.06 -7.33
CA HIS C 70 -8.74 -12.75 -7.63
C HIS C 70 -8.03 -11.69 -6.78
N ALA C 71 -7.18 -10.86 -7.41
CA ALA C 71 -6.33 -9.88 -6.69
C ALA C 71 -6.87 -8.50 -7.02
N VAL C 72 -7.26 -7.75 -5.96
CA VAL C 72 -7.90 -6.44 -6.22
C VAL C 72 -6.90 -5.31 -5.95
N GLY C 73 -6.35 -4.76 -7.03
CA GLY C 73 -5.46 -3.60 -6.93
C GLY C 73 -6.36 -2.39 -6.87
N PRO C 74 -5.79 -1.26 -6.40
CA PRO C 74 -6.56 -0.02 -6.39
C PRO C 74 -6.76 0.53 -7.80
N ASN C 75 -7.85 1.25 -7.98
CA ASN C 75 -8.13 2.05 -9.18
C ASN C 75 -7.59 3.45 -8.91
N PHE C 76 -6.51 3.81 -9.56
CA PHE C 76 -5.86 5.13 -9.30
C PHE C 76 -6.71 6.26 -9.86
N SER C 77 -7.83 6.00 -10.55
CA SER C 77 -8.81 7.07 -10.83
C SER C 77 -9.42 7.59 -9.53
N ASN C 78 -9.51 6.71 -8.52
CA ASN C 78 -10.28 6.84 -7.25
C ASN C 78 -9.26 7.14 -6.14
N TYR C 79 -8.12 6.50 -6.18
CA TYR C 79 -7.14 6.52 -5.07
C TYR C 79 -6.11 7.60 -5.32
N THR C 80 -5.67 8.23 -4.25
CA THR C 80 -4.47 9.09 -4.32
C THR C 80 -3.24 8.26 -4.64
N GLU C 81 -2.19 8.90 -5.09
CA GLU C 81 -0.90 8.17 -5.28
C GLU C 81 -0.43 7.49 -4.00
N SER C 82 -0.48 8.20 -2.88
CA SER C 82 -0.06 7.63 -1.60
C SER C 82 -0.92 6.42 -1.22
N GLU C 83 -2.24 6.56 -1.14
CA GLU C 83 -3.11 5.46 -0.65
C GLU C 83 -3.05 4.32 -1.66
N GLY C 84 -3.01 4.63 -2.94
CA GLY C 84 -3.00 3.55 -3.95
C GLY C 84 -1.71 2.79 -3.91
N ASP C 85 -0.58 3.46 -3.66
CA ASP C 85 0.73 2.74 -3.62
C ASP C 85 0.68 1.69 -2.54
N ARG C 86 0.14 2.01 -1.38
CA ARG C 86 0.09 1.06 -0.25
C ARG C 86 -0.88 -0.08 -0.61
N GLU C 87 -2.03 0.17 -1.20
CA GLU C 87 -3.01 -0.91 -1.49
C GLU C 87 -2.42 -1.82 -2.59
N LEU C 88 -1.70 -1.24 -3.52
CA LEU C 88 -1.13 -2.06 -4.65
C LEU C 88 -0.11 -3.00 -4.08
N ALA C 89 0.79 -2.53 -3.18
CA ALA C 89 1.77 -3.44 -2.54
C ALA C 89 1.03 -4.54 -1.78
N ALA C 90 -0.04 -4.21 -1.07
CA ALA C 90 -0.78 -5.16 -0.23
C ALA C 90 -1.45 -6.24 -1.10
N ALA C 91 -2.01 -5.88 -2.23
CA ALA C 91 -2.69 -6.84 -3.14
C ALA C 91 -1.64 -7.85 -3.60
N TYR C 92 -0.47 -7.40 -4.01
CA TYR C 92 0.61 -8.34 -4.36
C TYR C 92 1.07 -9.24 -3.20
N ARG C 93 1.18 -8.72 -1.98
N ARG C 93 1.18 -8.73 -1.98
CA ARG C 93 1.56 -9.55 -0.82
CA ARG C 93 1.55 -9.58 -0.83
C ARG C 93 0.47 -10.63 -0.62
C ARG C 93 0.46 -10.65 -0.64
N GLU C 94 -0.80 -10.28 -0.82
CA GLU C 94 -1.91 -11.28 -0.72
C GLU C 94 -1.77 -12.32 -1.86
N VAL C 95 -1.33 -11.93 -3.05
CA VAL C 95 -1.12 -12.93 -4.13
C VAL C 95 -0.01 -13.90 -3.67
N ALA C 96 1.09 -13.42 -3.09
CA ALA C 96 2.20 -14.27 -2.62
C ALA C 96 1.69 -15.27 -1.59
N LYS C 97 0.84 -14.83 -0.65
CA LYS C 97 0.22 -15.73 0.35
C LYS C 97 -0.65 -16.78 -0.35
N GLU C 98 -1.47 -16.39 -1.31
CA GLU C 98 -2.40 -17.32 -2.01
C GLU C 98 -1.60 -18.35 -2.81
N VAL C 99 -0.59 -17.90 -3.54
CA VAL C 99 0.26 -18.83 -4.34
C VAL C 99 0.94 -19.83 -3.40
N THR C 100 1.46 -19.38 -2.26
CA THR C 100 2.17 -20.23 -1.28
C THR C 100 1.15 -21.25 -0.77
N ARG C 101 -0.01 -20.76 -0.35
CA ARG C 101 -1.03 -21.61 0.30
C ARG C 101 -1.42 -22.74 -0.67
N LEU C 102 -1.50 -22.45 -1.96
CA LEU C 102 -1.97 -23.44 -2.96
C LEU C 102 -0.89 -24.51 -3.22
N GLY C 103 0.39 -24.23 -2.94
CA GLY C 103 1.47 -25.20 -3.19
C GLY C 103 1.80 -25.38 -4.65
N VAL C 104 1.34 -24.48 -5.51
CA VAL C 104 1.59 -24.48 -6.98
C VAL C 104 3.07 -24.27 -7.27
N ASN C 105 3.53 -24.79 -8.42
CA ASN C 105 4.93 -24.62 -8.87
C ASN C 105 5.04 -23.46 -9.85
N SER C 106 3.93 -22.91 -10.29
CA SER C 106 3.91 -21.82 -11.27
C SER C 106 2.62 -21.03 -11.14
N VAL C 107 2.71 -19.79 -11.58
CA VAL C 107 1.59 -18.82 -11.51
C VAL C 107 1.73 -17.85 -12.69
N ALA C 108 0.62 -17.56 -13.34
CA ALA C 108 0.44 -16.54 -14.38
C ALA C 108 -0.11 -15.28 -13.73
N ILE C 109 0.62 -14.18 -13.88
N ILE C 109 0.54 -14.14 -13.94
CA ILE C 109 0.29 -12.88 -13.21
CA ILE C 109 0.19 -12.91 -13.17
C ILE C 109 0.19 -11.77 -14.25
C ILE C 109 0.26 -11.72 -14.10
N PRO C 110 -0.80 -10.87 -14.11
CA PRO C 110 -0.81 -9.62 -14.85
C PRO C 110 -0.28 -8.50 -13.95
N LEU C 111 0.05 -7.36 -14.56
CA LEU C 111 0.54 -6.22 -13.75
C LEU C 111 -0.71 -5.47 -13.24
N LEU C 112 -0.91 -5.60 -11.96
CA LEU C 112 -2.07 -5.02 -11.28
C LEU C 112 -2.03 -3.50 -11.39
N SER C 113 -3.22 -2.89 -11.42
CA SER C 113 -3.44 -1.42 -11.38
C SER C 113 -2.90 -0.76 -12.65
N THR C 114 -2.61 -1.53 -13.70
CA THR C 114 -2.36 -0.96 -15.05
C THR C 114 -3.69 -1.04 -15.81
N GLY C 115 -3.73 -0.50 -17.04
CA GLY C 115 -4.95 -0.47 -17.87
C GLY C 115 -6.07 0.32 -17.20
N VAL C 116 -7.25 -0.28 -17.02
CA VAL C 116 -8.49 0.39 -16.53
C VAL C 116 -8.23 1.09 -15.19
N TYR C 117 -7.39 0.49 -14.33
CA TYR C 117 -7.14 0.96 -12.94
C TYR C 117 -5.91 1.88 -12.91
N SER C 118 -5.31 2.21 -14.05
CA SER C 118 -4.06 3.02 -14.04
C SER C 118 -4.29 4.49 -13.72
N GLY C 119 -5.50 4.99 -13.77
CA GLY C 119 -5.76 6.44 -13.68
C GLY C 119 -5.08 7.23 -14.79
N GLY C 120 -4.81 6.59 -15.93
CA GLY C 120 -4.18 7.24 -17.10
C GLY C 120 -2.68 7.43 -17.01
N LYS C 121 -2.02 6.79 -16.03
CA LYS C 121 -0.55 6.88 -15.84
C LYS C 121 0.08 5.54 -16.23
N ASP C 122 1.31 5.58 -16.76
CA ASP C 122 2.17 4.39 -16.99
C ASP C 122 2.66 3.90 -15.62
N ARG C 123 2.21 2.72 -15.19
CA ARG C 123 2.56 2.14 -13.87
C ARG C 123 3.37 0.85 -14.01
N LEU C 124 4.03 0.63 -15.14
CA LEU C 124 4.83 -0.61 -15.28
C LEU C 124 5.82 -0.77 -14.15
N THR C 125 6.72 0.19 -13.93
CA THR C 125 7.80 0.06 -12.93
C THR C 125 7.21 -0.07 -11.53
N GLN C 126 6.20 0.73 -11.24
CA GLN C 126 5.56 0.68 -9.91
C GLN C 126 4.96 -0.70 -9.66
N SER C 127 4.16 -1.13 -10.61
CA SER C 127 3.42 -2.42 -10.46
C SER C 127 4.44 -3.56 -10.39
N LEU C 128 5.42 -3.54 -11.29
CA LEU C 128 6.44 -4.63 -11.29
C LEU C 128 7.29 -4.62 -10.03
N ASN C 129 7.66 -3.44 -9.52
CA ASN C 129 8.39 -3.35 -8.23
C ASN C 129 7.61 -4.03 -7.11
N HIS C 130 6.32 -3.74 -6.99
CA HIS C 130 5.51 -4.36 -5.91
C HIS C 130 5.37 -5.88 -6.19
N LEU C 131 5.28 -6.27 -7.45
CA LEU C 131 5.20 -7.73 -7.78
C LEU C 131 6.42 -8.45 -7.28
N PHE C 132 7.60 -7.91 -7.60
CA PHE C 132 8.88 -8.48 -7.14
C PHE C 132 8.98 -8.48 -5.62
N THR C 133 8.61 -7.37 -4.96
CA THR C 133 8.72 -7.27 -3.49
C THR C 133 7.94 -8.42 -2.84
N ALA C 134 6.78 -8.79 -3.38
CA ALA C 134 5.90 -9.85 -2.83
C ALA C 134 6.34 -11.25 -3.27
N MET C 135 6.71 -11.40 -4.55
CA MET C 135 6.92 -12.76 -5.12
C MET C 135 8.37 -13.22 -4.94
N ASP C 136 9.31 -12.35 -4.57
CA ASP C 136 10.73 -12.79 -4.52
C ASP C 136 10.89 -13.91 -3.50
N SER C 137 10.15 -13.91 -2.38
CA SER C 137 10.32 -14.90 -1.30
C SER C 137 9.51 -16.17 -1.56
N THR C 138 8.80 -16.22 -2.67
CA THR C 138 8.08 -17.45 -3.12
C THR C 138 8.99 -18.29 -4.00
N ASP C 139 8.70 -19.60 -4.09
CA ASP C 139 9.50 -20.54 -4.91
C ASP C 139 8.69 -20.97 -6.13
N ALA C 140 7.59 -20.31 -6.45
CA ALA C 140 6.84 -20.63 -7.68
C ALA C 140 7.55 -20.00 -8.87
N ASP C 141 7.53 -20.64 -10.03
CA ASP C 141 7.84 -19.97 -11.30
C ASP C 141 6.76 -18.91 -11.58
N VAL C 142 7.15 -17.68 -11.78
CA VAL C 142 6.22 -16.57 -12.02
C VAL C 142 6.30 -16.21 -13.48
N VAL C 143 5.20 -16.22 -14.19
CA VAL C 143 5.13 -15.82 -15.60
C VAL C 143 4.23 -14.59 -15.70
N ILE C 144 4.82 -13.46 -16.04
CA ILE C 144 4.08 -12.17 -16.17
C ILE C 144 3.50 -12.02 -17.56
N TYR C 145 2.21 -11.75 -17.67
CA TYR C 145 1.52 -11.62 -18.99
C TYR C 145 1.30 -10.16 -19.31
N CYS C 146 1.61 -9.71 -20.53
CA CYS C 146 1.32 -8.34 -21.00
C CYS C 146 0.82 -8.44 -22.44
N ARG C 147 0.29 -7.32 -22.98
CA ARG C 147 -0.33 -7.25 -24.33
C ARG C 147 0.40 -6.24 -25.23
N ASP C 148 1.39 -5.51 -24.70
CA ASP C 148 2.08 -4.40 -25.40
C ASP C 148 3.56 -4.78 -25.59
N LYS C 149 4.09 -4.55 -26.78
CA LYS C 149 5.46 -4.97 -27.15
C LYS C 149 6.57 -4.20 -26.39
N GLU C 150 6.37 -2.91 -26.11
N GLU C 150 6.33 -2.91 -26.15
CA GLU C 150 7.42 -2.14 -25.38
CA GLU C 150 7.24 -2.01 -25.39
C GLU C 150 7.37 -2.50 -23.89
C GLU C 150 7.35 -2.54 -23.95
N TRP C 151 6.20 -2.84 -23.34
CA TRP C 151 6.14 -3.35 -21.95
C TRP C 151 6.82 -4.71 -21.86
N GLU C 152 6.59 -5.58 -22.85
CA GLU C 152 7.27 -6.88 -22.88
C GLU C 152 8.79 -6.64 -22.75
N LYS C 153 9.31 -5.69 -23.52
CA LYS C 153 10.74 -5.32 -23.59
C LYS C 153 11.23 -4.80 -22.23
N LYS C 154 10.52 -3.83 -21.66
CA LYS C 154 10.83 -3.22 -20.33
C LYS C 154 10.82 -4.31 -19.25
N ILE C 155 9.79 -5.16 -19.24
CA ILE C 155 9.67 -6.22 -18.18
C ILE C 155 10.82 -7.22 -18.31
N SER C 156 11.14 -7.66 -19.53
CA SER C 156 12.25 -8.60 -19.76
C SER C 156 13.55 -7.97 -19.26
N GLU C 157 13.82 -6.70 -19.61
CA GLU C 157 15.02 -5.95 -19.17
C GLU C 157 15.12 -6.01 -17.65
N ALA C 158 14.00 -5.74 -16.97
CA ALA C 158 13.93 -5.65 -15.50
C ALA C 158 14.26 -7.01 -14.86
N ILE C 159 13.73 -8.08 -15.41
CA ILE C 159 13.97 -9.45 -14.91
C ILE C 159 15.46 -9.78 -15.05
N GLN C 160 16.01 -9.60 -16.25
CA GLN C 160 17.36 -10.11 -16.62
C GLN C 160 18.43 -9.35 -15.82
N MET C 161 18.18 -8.09 -15.46
CA MET C 161 19.11 -7.24 -14.67
C MET C 161 19.52 -7.95 -13.37
N ARG C 162 18.59 -8.67 -12.73
CA ARG C 162 18.76 -9.15 -11.33
C ARG C 162 19.37 -10.57 -11.33
N THR C 163 19.46 -11.21 -12.50
CA THR C 163 19.97 -12.61 -12.68
C THR C 163 21.50 -12.58 -12.74
N PRO D 5 27.67 -33.24 18.47
CA PRO D 5 28.07 -31.88 18.02
C PRO D 5 28.14 -30.92 19.21
N SER D 6 28.92 -29.85 19.04
N SER D 6 28.92 -29.85 19.07
CA SER D 6 29.13 -28.75 20.03
CA SER D 6 29.08 -28.77 20.08
C SER D 6 28.40 -27.49 19.53
C SER D 6 28.45 -27.48 19.55
N TYR D 7 27.93 -26.64 20.45
CA TYR D 7 27.24 -25.38 20.10
C TYR D 7 27.85 -24.19 20.79
N ARG D 8 28.10 -23.14 20.01
CA ARG D 8 28.54 -21.83 20.51
C ARG D 8 27.72 -20.77 19.81
N VAL D 9 27.71 -19.56 20.37
CA VAL D 9 27.03 -18.39 19.78
C VAL D 9 28.05 -17.29 19.68
N LYS D 10 27.99 -16.54 18.59
CA LYS D 10 28.81 -15.33 18.38
C LYS D 10 27.88 -14.20 17.90
N ARG D 11 28.06 -13.00 18.44
CA ARG D 11 27.37 -11.78 18.00
C ARG D 11 28.32 -11.05 17.09
N MET D 12 28.24 -11.36 15.81
CA MET D 12 29.10 -10.76 14.78
C MET D 12 28.54 -11.17 13.42
N ASP D 13 29.08 -10.52 12.41
CA ASP D 13 28.68 -10.69 10.99
C ASP D 13 29.13 -12.09 10.57
N ILE D 14 28.20 -12.94 10.18
CA ILE D 14 28.51 -14.34 9.77
C ILE D 14 29.42 -14.34 8.54
N ALA D 15 29.48 -13.23 7.84
CA ALA D 15 30.36 -13.06 6.66
C ALA D 15 31.82 -13.07 7.15
N LYS D 16 32.05 -12.96 8.45
CA LYS D 16 33.41 -12.93 9.04
C LYS D 16 33.61 -14.13 9.97
N ASN D 17 32.88 -15.21 9.75
CA ASN D 17 32.95 -16.42 10.59
C ASN D 17 34.33 -17.09 10.53
N ASP D 18 34.63 -17.85 11.55
CA ASP D 18 35.91 -18.57 11.73
C ASP D 18 35.66 -20.06 11.58
N GLU D 19 34.72 -20.49 10.76
CA GLU D 19 34.40 -21.92 10.59
C GLU D 19 34.70 -22.39 9.17
N GLU D 20 34.58 -23.69 8.94
CA GLU D 20 35.02 -24.31 7.66
C GLU D 20 33.98 -24.07 6.56
N CYS D 21 32.74 -23.69 6.88
CA CYS D 21 31.68 -23.47 5.87
C CYS D 21 30.60 -22.60 6.50
N VAL D 22 29.77 -22.01 5.65
CA VAL D 22 28.74 -21.05 6.11
C VAL D 22 27.41 -21.52 5.57
N VAL D 23 26.39 -21.25 6.38
CA VAL D 23 24.98 -21.41 5.92
C VAL D 23 24.44 -20.02 5.63
N ASN D 24 23.95 -19.84 4.43
CA ASN D 24 23.30 -18.60 4.03
C ASN D 24 21.82 -18.73 4.40
N ALA D 25 21.23 -17.68 4.94
CA ALA D 25 19.74 -17.53 5.02
C ALA D 25 19.26 -16.99 3.68
N ALA D 26 19.12 -17.91 2.73
CA ALA D 26 18.92 -17.59 1.32
C ALA D 26 17.45 -17.37 0.97
N ASN D 27 17.23 -16.75 -0.15
CA ASN D 27 15.89 -16.70 -0.78
C ASN D 27 15.83 -17.79 -1.84
N PRO D 28 14.62 -18.17 -2.25
CA PRO D 28 14.50 -19.28 -3.19
C PRO D 28 15.10 -18.98 -4.56
N ARG D 29 15.26 -17.71 -4.92
CA ARG D 29 15.58 -17.28 -6.31
C ARG D 29 17.07 -17.06 -6.43
N GLY D 30 17.82 -17.19 -5.34
CA GLY D 30 19.28 -16.92 -5.40
C GLY D 30 19.58 -15.45 -5.64
N LEU D 31 18.72 -14.53 -5.22
CA LEU D 31 18.96 -13.08 -5.30
C LEU D 31 19.85 -12.66 -4.14
N PRO D 32 20.55 -11.51 -4.28
CA PRO D 32 21.38 -10.97 -3.19
C PRO D 32 20.62 -10.68 -1.90
N GLY D 33 19.37 -10.22 -2.02
CA GLY D 33 18.49 -10.10 -0.84
C GLY D 33 18.92 -8.98 0.10
N ASP D 34 18.69 -9.19 1.40
CA ASP D 34 19.02 -8.22 2.49
C ASP D 34 19.50 -9.01 3.71
N GLY D 35 19.97 -8.31 4.75
CA GLY D 35 20.42 -8.97 5.99
C GLY D 35 21.59 -9.91 5.73
N VAL D 36 21.54 -11.08 6.37
CA VAL D 36 22.57 -12.16 6.26
C VAL D 36 22.81 -12.42 4.77
N CYS D 37 21.75 -12.57 3.99
CA CYS D 37 21.87 -12.96 2.57
C CYS D 37 22.74 -11.96 1.82
N LYS D 38 22.51 -10.65 2.03
CA LYS D 38 23.29 -9.60 1.31
C LYS D 38 24.75 -9.64 1.78
N ALA D 39 25.01 -9.84 3.07
CA ALA D 39 26.39 -9.93 3.61
C ALA D 39 27.10 -11.14 2.96
N VAL D 40 26.36 -12.23 2.79
CA VAL D 40 26.89 -13.48 2.17
C VAL D 40 27.18 -13.16 0.70
N TYR D 41 26.28 -12.45 0.01
CA TYR D 41 26.47 -12.09 -1.41
C TYR D 41 27.73 -11.20 -1.60
N LYS D 42 27.96 -10.26 -0.68
CA LYS D 42 29.12 -9.32 -0.77
C LYS D 42 30.43 -10.07 -0.45
N LYS D 43 30.39 -11.09 0.41
CA LYS D 43 31.62 -11.86 0.75
C LYS D 43 31.90 -13.00 -0.22
N TRP D 44 30.88 -13.73 -0.66
CA TRP D 44 31.05 -14.94 -1.49
C TRP D 44 30.13 -14.87 -2.71
N PRO D 45 30.24 -13.83 -3.57
CA PRO D 45 29.31 -13.67 -4.69
C PRO D 45 29.33 -14.88 -5.64
N GLU D 46 30.48 -15.54 -5.79
CA GLU D 46 30.58 -16.64 -6.76
C GLU D 46 29.69 -17.79 -6.31
N SER D 47 29.34 -17.82 -5.01
CA SER D 47 28.51 -18.93 -4.47
C SER D 47 27.05 -18.77 -4.90
N PHE D 48 26.70 -17.68 -5.56
CA PHE D 48 25.29 -17.47 -6.03
C PHE D 48 25.05 -17.97 -7.46
N LYS D 49 26.05 -18.64 -8.04
CA LYS D 49 25.91 -19.26 -9.38
C LYS D 49 25.00 -20.51 -9.31
N ASN D 50 23.74 -20.35 -9.78
CA ASN D 50 22.73 -21.43 -9.72
C ASN D 50 22.49 -21.83 -8.26
N SER D 51 22.34 -20.85 -7.36
CA SER D 51 22.04 -21.18 -5.94
C SER D 51 20.53 -21.25 -5.69
N ALA D 52 19.72 -20.88 -6.64
CA ALA D 52 18.25 -20.91 -6.50
C ALA D 52 17.86 -22.33 -6.10
N THR D 53 16.93 -22.46 -5.15
CA THR D 53 16.50 -23.76 -4.63
C THR D 53 15.16 -23.54 -3.93
N PRO D 54 14.30 -24.56 -3.82
CA PRO D 54 13.00 -24.27 -3.25
C PRO D 54 13.04 -24.05 -1.74
N VAL D 55 11.93 -23.51 -1.24
CA VAL D 55 11.72 -23.43 0.23
C VAL D 55 11.86 -24.79 0.87
N GLY D 56 12.51 -24.83 2.01
CA GLY D 56 12.73 -26.05 2.79
C GLY D 56 13.87 -26.90 2.30
N THR D 57 14.68 -26.36 1.37
CA THR D 57 15.86 -27.05 0.77
C THR D 57 17.16 -26.29 1.04
N ALA D 58 18.28 -27.01 0.93
CA ALA D 58 19.63 -26.44 1.03
C ALA D 58 20.37 -26.83 -0.26
N LYS D 59 21.14 -25.89 -0.80
CA LYS D 59 21.94 -26.06 -2.03
C LYS D 59 23.33 -25.49 -1.79
N THR D 60 24.35 -26.34 -1.86
CA THR D 60 25.73 -25.94 -1.57
C THR D 60 26.40 -25.50 -2.84
N VAL D 61 26.97 -24.31 -2.84
CA VAL D 61 27.80 -23.81 -3.95
C VAL D 61 29.13 -23.35 -3.36
N MET D 62 30.24 -23.80 -3.95
N MET D 62 30.24 -23.77 -3.99
CA MET D 62 31.61 -23.44 -3.48
CA MET D 62 31.60 -23.42 -3.54
C MET D 62 31.99 -22.04 -3.96
C MET D 62 31.96 -22.00 -3.97
N CYS D 63 32.64 -21.27 -3.09
CA CYS D 63 33.33 -20.02 -3.43
C CYS D 63 34.81 -20.33 -3.24
N GLY D 64 35.54 -20.53 -4.33
CA GLY D 64 36.87 -21.15 -4.18
C GLY D 64 36.67 -22.55 -3.71
N THR D 65 37.24 -22.88 -2.56
CA THR D 65 37.03 -24.18 -1.88
C THR D 65 36.16 -24.00 -0.63
N TYR D 66 35.59 -22.80 -0.43
CA TYR D 66 34.78 -22.51 0.79
C TYR D 66 33.30 -22.78 0.47
N PRO D 67 32.66 -23.75 1.16
CA PRO D 67 31.27 -24.12 0.87
C PRO D 67 30.28 -23.14 1.50
N VAL D 68 29.37 -22.69 0.66
CA VAL D 68 28.24 -21.82 1.05
C VAL D 68 27.00 -22.70 0.88
N ILE D 69 26.35 -23.02 2.02
CA ILE D 69 25.13 -23.88 2.04
C ILE D 69 23.94 -22.95 2.02
N HIS D 70 23.32 -22.72 0.89
CA HIS D 70 22.17 -21.80 0.76
C HIS D 70 20.95 -22.56 1.30
N ALA D 71 20.45 -22.14 2.46
CA ALA D 71 19.29 -22.79 3.10
C ALA D 71 18.11 -21.84 3.02
N VAL D 72 17.02 -22.32 2.44
CA VAL D 72 15.83 -21.46 2.24
C VAL D 72 14.79 -21.79 3.30
N GLY D 73 14.74 -20.94 4.33
CA GLY D 73 13.65 -21.04 5.30
C GLY D 73 12.41 -20.42 4.71
N PRO D 74 11.22 -20.78 5.25
CA PRO D 74 10.00 -20.18 4.78
C PRO D 74 9.82 -18.72 5.22
N ASN D 75 9.17 -17.94 4.41
CA ASN D 75 8.72 -16.58 4.75
C ASN D 75 7.37 -16.74 5.43
N PHE D 76 7.33 -16.51 6.74
CA PHE D 76 6.05 -16.61 7.48
C PHE D 76 5.07 -15.50 7.10
N SER D 77 5.43 -14.49 6.33
CA SER D 77 4.43 -13.61 5.70
C SER D 77 3.57 -14.41 4.69
N ASN D 78 4.12 -15.48 4.11
CA ASN D 78 3.43 -16.22 3.03
C ASN D 78 2.86 -17.52 3.56
N TYR D 79 3.57 -18.21 4.46
CA TYR D 79 3.24 -19.55 4.97
C TYR D 79 2.38 -19.40 6.20
N THR D 80 1.42 -20.29 6.36
CA THR D 80 0.76 -20.50 7.66
C THR D 80 1.76 -20.93 8.71
N GLU D 81 1.41 -20.75 9.99
CA GLU D 81 2.28 -21.26 11.07
C GLU D 81 2.54 -22.75 10.90
N SER D 82 1.50 -23.54 10.57
CA SER D 82 1.64 -24.99 10.45
C SER D 82 2.61 -25.32 9.31
N GLU D 83 2.34 -24.78 8.13
CA GLU D 83 3.10 -25.22 6.92
C GLU D 83 4.53 -24.68 7.05
N GLY D 84 4.66 -23.48 7.58
CA GLY D 84 5.96 -22.81 7.81
C GLY D 84 6.79 -23.61 8.79
N ASP D 85 6.19 -24.09 9.88
CA ASP D 85 6.94 -24.88 10.87
C ASP D 85 7.57 -26.09 10.19
N ARG D 86 6.83 -26.80 9.32
CA ARG D 86 7.32 -27.98 8.56
C ARG D 86 8.50 -27.56 7.68
N GLU D 87 8.36 -26.46 6.96
CA GLU D 87 9.41 -26.01 5.97
C GLU D 87 10.64 -25.56 6.76
N LEU D 88 10.49 -24.98 7.95
CA LEU D 88 11.67 -24.50 8.71
C LEU D 88 12.43 -25.73 9.19
N ALA D 89 11.73 -26.72 9.73
CA ALA D 89 12.34 -28.00 10.14
C ALA D 89 13.10 -28.58 8.94
N ALA D 90 12.47 -28.58 7.79
CA ALA D 90 13.04 -29.26 6.60
C ALA D 90 14.32 -28.54 6.18
N ALA D 91 14.32 -27.21 6.16
CA ALA D 91 15.50 -26.42 5.73
C ALA D 91 16.67 -26.80 6.64
N TYR D 92 16.47 -26.88 7.94
CA TYR D 92 17.57 -27.26 8.83
C TYR D 92 18.01 -28.71 8.64
N ARG D 93 17.05 -29.63 8.44
CA ARG D 93 17.36 -31.06 8.12
C ARG D 93 18.28 -31.11 6.90
N GLU D 94 17.98 -30.34 5.87
CA GLU D 94 18.75 -30.34 4.58
C GLU D 94 20.14 -29.71 4.84
N VAL D 95 20.24 -28.69 5.67
CA VAL D 95 21.56 -28.15 6.12
C VAL D 95 22.37 -29.28 6.77
N ALA D 96 21.81 -29.99 7.75
CA ALA D 96 22.52 -31.06 8.47
C ALA D 96 23.07 -32.11 7.50
N LYS D 97 22.27 -32.50 6.51
CA LYS D 97 22.66 -33.53 5.51
C LYS D 97 23.85 -33.00 4.68
N GLU D 98 23.85 -31.71 4.35
CA GLU D 98 24.99 -31.09 3.61
C GLU D 98 26.25 -31.01 4.48
N VAL D 99 26.12 -30.61 5.73
CA VAL D 99 27.26 -30.50 6.67
C VAL D 99 27.90 -31.89 6.77
N THR D 100 27.11 -32.96 6.94
CA THR D 100 27.65 -34.33 7.01
C THR D 100 28.33 -34.68 5.68
N ARG D 101 27.67 -34.43 4.57
CA ARG D 101 28.17 -34.85 3.23
C ARG D 101 29.51 -34.15 2.96
N LEU D 102 29.65 -32.88 3.35
CA LEU D 102 30.88 -32.10 3.13
C LEU D 102 32.01 -32.58 4.05
N GLY D 103 31.68 -33.23 5.16
CA GLY D 103 32.67 -33.76 6.12
C GLY D 103 33.45 -32.65 6.80
N VAL D 104 32.92 -31.42 6.84
CA VAL D 104 33.54 -30.29 7.57
C VAL D 104 33.57 -30.58 9.07
N ASN D 105 34.48 -29.92 9.78
CA ASN D 105 34.61 -30.00 11.25
C ASN D 105 33.73 -28.95 11.90
N SER D 106 33.39 -27.88 11.19
CA SER D 106 32.66 -26.74 11.80
C SER D 106 31.79 -26.07 10.76
N VAL D 107 30.73 -25.41 11.23
CA VAL D 107 29.78 -24.70 10.36
C VAL D 107 29.28 -23.47 11.09
N ALA D 108 29.24 -22.35 10.39
CA ALA D 108 28.63 -21.09 10.81
C ALA D 108 27.19 -21.08 10.33
N ILE D 109 26.24 -20.83 11.23
N ILE D 109 26.24 -20.90 11.25
CA ILE D 109 24.80 -20.96 10.91
CA ILE D 109 24.79 -20.97 10.93
C ILE D 109 24.01 -19.80 11.53
C ILE D 109 24.05 -19.75 11.51
N PRO D 110 23.15 -19.13 10.74
CA PRO D 110 22.27 -18.08 11.25
C PRO D 110 20.95 -18.74 11.62
N LEU D 111 20.12 -18.00 12.36
CA LEU D 111 18.74 -18.50 12.67
C LEU D 111 17.80 -18.18 11.52
N LEU D 112 17.43 -19.24 10.79
CA LEU D 112 16.61 -19.13 9.59
C LEU D 112 15.21 -18.61 9.98
N SER D 113 14.65 -17.80 9.14
CA SER D 113 13.26 -17.31 9.26
C SER D 113 13.07 -16.37 10.46
N THR D 114 14.13 -15.73 10.97
CA THR D 114 14.04 -14.86 12.20
C THR D 114 14.13 -13.36 11.92
N GLY D 115 14.39 -12.98 10.69
CA GLY D 115 14.52 -11.57 10.23
C GLY D 115 13.31 -11.20 9.39
N VAL D 116 13.55 -10.77 8.14
CA VAL D 116 12.51 -10.36 7.15
C VAL D 116 11.52 -11.51 6.92
N TYR D 117 11.91 -12.76 7.14
CA TYR D 117 11.02 -13.94 6.89
C TYR D 117 10.23 -14.31 8.16
N SER D 118 10.32 -13.53 9.22
CA SER D 118 9.69 -13.90 10.52
C SER D 118 8.20 -13.57 10.53
N GLY D 119 7.68 -12.81 9.57
CA GLY D 119 6.28 -12.39 9.54
C GLY D 119 6.00 -11.50 10.74
N GLY D 120 7.02 -10.77 11.19
CA GLY D 120 6.83 -9.77 12.27
C GLY D 120 6.72 -10.42 13.63
N LYS D 121 7.15 -11.66 13.77
CA LYS D 121 7.05 -12.41 15.03
C LYS D 121 8.46 -12.78 15.53
N ASP D 122 8.61 -12.86 16.84
CA ASP D 122 9.87 -13.28 17.47
C ASP D 122 9.94 -14.79 17.35
N ARG D 123 10.86 -15.30 16.52
CA ARG D 123 10.99 -16.73 16.21
C ARG D 123 12.30 -17.33 16.70
N LEU D 124 12.97 -16.69 17.65
CA LEU D 124 14.28 -17.21 18.14
C LEU D 124 14.12 -18.64 18.65
N THR D 125 13.17 -18.90 19.58
CA THR D 125 13.03 -20.22 20.21
C THR D 125 12.66 -21.28 19.15
N GLN D 126 11.74 -20.92 18.29
CA GLN D 126 11.24 -21.85 17.23
C GLN D 126 12.43 -22.22 16.31
N SER D 127 13.12 -21.21 15.82
CA SER D 127 14.25 -21.42 14.85
C SER D 127 15.35 -22.26 15.51
N LEU D 128 15.76 -21.88 16.73
CA LEU D 128 16.80 -22.57 17.47
C LEU D 128 16.35 -23.99 17.75
N ASN D 129 15.05 -24.23 18.02
CA ASN D 129 14.61 -25.61 18.33
C ASN D 129 14.80 -26.51 17.11
N HIS D 130 14.48 -26.05 15.90
CA HIS D 130 14.65 -26.83 14.65
C HIS D 130 16.16 -26.98 14.35
N LEU D 131 16.95 -25.95 14.66
CA LEU D 131 18.43 -25.97 14.45
C LEU D 131 19.01 -27.12 15.28
N PHE D 132 18.72 -27.14 16.58
CA PHE D 132 19.27 -28.17 17.48
C PHE D 132 18.83 -29.55 16.99
N THR D 133 17.54 -29.74 16.66
CA THR D 133 17.02 -31.05 16.25
C THR D 133 17.77 -31.57 15.02
N ALA D 134 17.98 -30.71 14.03
CA ALA D 134 18.70 -31.10 12.80
C ALA D 134 20.17 -31.34 13.10
N MET D 135 20.82 -30.39 13.74
CA MET D 135 22.30 -30.39 13.81
C MET D 135 22.77 -31.39 14.86
N ASP D 136 21.90 -31.82 15.78
CA ASP D 136 22.29 -32.89 16.74
C ASP D 136 22.66 -34.16 15.99
N SER D 137 22.21 -34.33 14.74
CA SER D 137 22.47 -35.52 13.90
C SER D 137 23.88 -35.45 13.34
N THR D 138 24.57 -34.32 13.48
CA THR D 138 25.97 -34.18 12.99
C THR D 138 26.98 -34.32 14.14
N ASP D 139 28.26 -34.35 13.81
CA ASP D 139 29.34 -34.31 14.83
C ASP D 139 30.16 -33.03 14.64
N ALA D 140 29.62 -32.05 13.91
CA ALA D 140 30.29 -30.76 13.64
C ALA D 140 30.21 -29.82 14.85
N ASP D 141 31.22 -28.97 15.01
CA ASP D 141 31.15 -27.77 15.85
C ASP D 141 30.23 -26.79 15.14
N VAL D 142 29.15 -26.41 15.82
CA VAL D 142 28.17 -25.46 15.25
C VAL D 142 28.35 -24.12 15.95
N VAL D 143 28.52 -23.07 15.18
CA VAL D 143 28.60 -21.69 15.69
C VAL D 143 27.42 -20.92 15.12
N ILE D 144 26.50 -20.53 16.01
CA ILE D 144 25.30 -19.76 15.68
C ILE D 144 25.65 -18.30 15.73
N TYR D 145 25.32 -17.55 14.68
CA TYR D 145 25.63 -16.12 14.52
C TYR D 145 24.34 -15.34 14.72
N CYS D 146 24.40 -14.27 15.50
CA CYS D 146 23.30 -13.29 15.68
C CYS D 146 23.89 -11.89 15.78
N ARG D 147 23.07 -10.85 15.77
CA ARG D 147 23.56 -9.45 15.79
C ARG D 147 23.07 -8.74 17.05
N ASP D 148 22.12 -9.31 17.76
CA ASP D 148 21.44 -8.62 18.89
C ASP D 148 21.95 -9.17 20.24
N LYS D 149 22.25 -8.30 21.21
CA LYS D 149 22.81 -8.74 22.52
C LYS D 149 21.81 -9.60 23.32
N GLU D 150 20.52 -9.28 23.30
CA GLU D 150 19.52 -10.09 24.07
C GLU D 150 19.38 -11.47 23.42
N TRP D 151 19.39 -11.50 22.09
CA TRP D 151 19.35 -12.78 21.34
C TRP D 151 20.61 -13.57 21.64
N GLU D 152 21.77 -12.93 21.67
CA GLU D 152 23.03 -13.63 22.05
C GLU D 152 22.84 -14.30 23.41
N LYS D 153 22.31 -13.58 24.41
CA LYS D 153 22.16 -14.12 25.79
C LYS D 153 21.13 -15.26 25.80
N LYS D 154 19.98 -15.05 25.14
CA LYS D 154 18.90 -16.05 24.98
C LYS D 154 19.48 -17.30 24.30
N ILE D 155 20.25 -17.11 23.21
CA ILE D 155 20.84 -18.29 22.50
C ILE D 155 21.82 -19.00 23.44
N SER D 156 22.68 -18.24 24.10
CA SER D 156 23.67 -18.82 25.05
C SER D 156 22.96 -19.61 26.15
N GLU D 157 21.92 -19.01 26.73
CA GLU D 157 21.12 -19.68 27.80
C GLU D 157 20.51 -20.94 27.21
N ALA D 158 19.97 -20.86 26.00
CA ALA D 158 19.37 -22.04 25.35
C ALA D 158 20.45 -23.13 25.18
N ILE D 159 21.67 -22.78 24.77
CA ILE D 159 22.76 -23.78 24.66
C ILE D 159 23.08 -24.36 26.04
N GLN D 160 23.19 -23.51 27.06
CA GLN D 160 23.58 -23.90 28.45
C GLN D 160 22.63 -24.99 28.98
N MET D 161 21.33 -24.81 28.72
CA MET D 161 20.21 -25.59 29.32
C MET D 161 20.23 -27.03 28.80
N ARG D 162 20.67 -27.26 27.56
CA ARG D 162 20.68 -28.59 26.90
C ARG D 162 21.71 -29.51 27.56
N THR D 163 22.61 -28.94 28.36
CA THR D 163 23.75 -29.66 28.99
C THR D 163 23.30 -30.16 30.37
S DMS E . -1.90 3.93 7.41
O DMS E . -0.36 3.98 7.10
C1 DMS E . -2.41 5.56 7.78
C2 DMS E . -2.04 3.30 9.08
S DMS F . 8.82 18.66 14.39
O DMS F . 9.37 17.29 14.80
C1 DMS F . 10.10 19.37 13.41
C2 DMS F . 9.06 19.69 15.79
S DMS G . 0.22 28.44 13.34
O DMS G . 1.33 28.34 12.32
C1 DMS G . -1.15 29.14 12.48
C2 DMS G . 0.61 29.85 14.37
C TRS H . 24.10 22.75 6.74
C1 TRS H . 23.18 23.16 5.60
C2 TRS H . 24.30 21.22 6.80
C3 TRS H . 25.45 23.46 6.61
N TRS H . 23.46 23.14 8.05
O1 TRS H . 23.07 24.58 5.44
O2 TRS H . 24.99 20.70 5.67
O3 TRS H . 26.38 23.07 7.61
S DMS I . 15.90 7.98 -3.08
O DMS I . 14.85 8.81 -3.77
C1 DMS I . 15.18 7.38 -1.59
C2 DMS I . 17.06 9.12 -2.33
S DMS J . 4.37 22.75 11.15
O DMS J . 5.45 22.03 10.38
C1 DMS J . 3.54 21.50 12.11
C2 DMS J . 3.08 23.10 9.98
S DMS K . -5.33 28.36 -3.20
O DMS K . -5.47 27.26 -4.12
C1 DMS K . -7.01 28.87 -2.80
C2 DMS K . -4.79 29.76 -4.14
CL CL L . 7.77 23.52 12.56
CL CL M . -1.12 26.45 9.62
CL CL N . -8.00 16.77 7.58
S DMS O . -9.91 21.39 7.71
O DMS O . -8.60 21.27 8.44
C1 DMS O . -10.08 19.87 6.81
C2 DMS O . -11.19 21.11 8.90
S DMS P . 4.96 -0.69 1.35
O DMS P . 3.78 0.13 0.85
C1 DMS P . 4.37 -1.63 2.75
C2 DMS P . 5.99 0.42 2.27
S DMS Q . -25.88 5.36 7.26
O DMS Q . -26.16 6.25 6.08
C1 DMS Q . -24.21 5.71 7.74
C2 DMS Q . -25.60 3.73 6.60
S DMS R . -23.70 11.52 10.34
O DMS R . -22.95 12.80 10.37
C1 DMS R . -25.20 11.82 9.41
C2 DMS R . -24.45 11.47 11.93
CL CL S . -25.83 -0.63 5.69
CL CL T . -27.52 8.40 9.16
C4 A1AQD U . -31.55 -2.40 11.27
C5 A1AQD U . -32.32 -2.87 12.32
C6 A1AQD U . -32.73 -2.03 13.34
C7 A1AQD U . -32.33 -0.73 13.31
C8 A1AQD U . -31.55 -0.21 12.30
C10 A1AQD U . -29.05 -4.18 11.27
N A1AQD U . -29.51 -5.55 11.41
C A1AQD U . -28.83 -2.62 9.29
O A1AQD U . -28.27 -2.74 8.24
C1 A1AQD U . -27.54 -0.75 9.93
C11 A1AQD U . -29.27 -6.13 10.07
C12 A1AQD U . -29.65 -5.00 9.09
C2 A1AQD U . -29.68 -3.71 9.95
C3 A1AQD U . -31.18 -3.30 10.11
C9 A1AQD U . -31.17 -1.06 11.28
F A1AQD U . -32.71 0.11 14.32
O1 A1AQD U . -28.77 -1.51 10.02
CL CL V . 0.35 -4.43 -21.51
CL CL W . -13.40 -2.64 -0.95
S DMS X . -14.97 -21.38 -22.60
O DMS X . -15.10 -21.57 -21.11
C1 DMS X . -13.31 -20.84 -22.88
C2 DMS X . -15.78 -19.86 -22.98
C4 A1AQE Y . 1.49 3.76 -21.40
C5 A1AQE Y . 1.26 5.10 -21.69
C6 A1AQE Y . 0.28 5.81 -21.00
C7 A1AQE Y . -0.43 5.16 -20.03
C8 A1AQE Y . -0.23 3.85 -19.72
C10 A1AQE Y . 3.43 1.49 -23.91
N A1AQE Y . 3.53 1.68 -25.35
C A1AQE Y . 1.03 1.29 -23.11
O A1AQE Y . -0.03 1.33 -23.68
C1 A1AQE Y . 0.34 -0.68 -21.97
C11 A1AQE Y . 2.32 2.42 -25.78
C12 A1AQE Y . 1.87 3.19 -24.53
C2 A1AQE Y . 2.19 2.23 -23.37
C3 A1AQE Y . 2.61 3.02 -22.10
C9 A1AQE Y . 0.73 3.15 -20.42
F A1AQE Y . -1.38 5.85 -19.36
O1 A1AQE Y . 1.32 0.37 -22.20
S DMS Z . 17.79 -13.68 9.97
O DMS Z . 18.06 -12.41 9.19
C1 DMS Z . 18.91 -13.63 11.35
C2 DMS Z . 18.59 -14.98 9.07
C TRS AA . 9.28 -29.06 -0.49
C1 TRS AA . 8.00 -29.48 -1.21
C2 TRS AA . 9.29 -29.60 0.95
C3 TRS AA . 10.51 -29.57 -1.25
N TRS AA . 9.34 -27.57 -0.44
O1 TRS AA . 6.84 -29.10 -0.48
O2 TRS AA . 10.54 -29.41 1.58
O3 TRS AA . 10.38 -29.40 -2.65
S DMS BA . 35.11 -9.15 -0.16
O DMS BA . 34.33 -9.27 1.15
C1 DMS BA . 34.25 -7.92 -1.13
C2 DMS BA . 34.75 -10.58 -1.17
S DMS CA . 16.04 -12.63 2.53
O DMS CA . 16.97 -12.92 1.39
C1 DMS CA . 16.93 -11.60 3.66
C2 DMS CA . 16.02 -14.10 3.53
S DMS DA . 28.93 -29.15 -4.21
O DMS DA . 29.32 -29.20 -2.76
C1 DMS DA . 29.07 -27.46 -4.71
C2 DMS DA . 27.16 -29.28 -4.25
CL CL EA . 19.91 -11.27 15.74
CL CL FA . 15.10 -14.27 7.69
#